data_1GJU
#
_entry.id   1GJU
#
_cell.length_a   148.740
_cell.length_b   148.740
_cell.length_c   106.700
_cell.angle_alpha   90.00
_cell.angle_beta   90.00
_cell.angle_gamma   90.00
#
_symmetry.space_group_name_H-M   'P 41 2 2'
#
loop_
_entity.id
_entity.type
_entity.pdbx_description
1 polymer 'MALTODEXTRIN GLYCOSYLTRANSFERASE'
2 non-polymer 'PHOSPHATE ION'
3 water water
#
_entity_poly.entity_id   1
_entity_poly.type   'polypeptide(L)'
_entity_poly.pdbx_seq_one_letter_code
;MLLREINRYCKEKATGKRIYAVPKLWIPGFFKKFDEKSGRCFVDPYELGAEITDWILNQSREWDYSQPLSFLKGEKTPDW
IKRSVVYGSLPRTTAAYNHKGSGYYEENDVLGFREAGTFFKMMLLLPFVKSLGADAIYLLPVSRMSDLFKKGDAPSPYSV
KNPMELDERYHDPLLEPFKVDEEFKAFVEACHILGIRVILDFIPRTAARDSDLIREHPDWFYWIKVEELADYTPPRAEEL
PFKVPDEDELEIIYNKENVKRHLKKFTLPPNLIDPQKWEKIKREEGNILELIVKEFGIITPPGFSDLINDPQPTWDDVTF
LRLYLDHPEASKRFLDPNQPPYVLYDVIKASKFPGKEPNRELWEYLAGVIPHYQKKYGIDGARLDMGHALPKELLDLIIK
NVKEYDPAFVMIAEELDMEKDKASKEAGYDVILGSSWYFAGRVEEIGKLPDIAEELVLPFLASVETPDTPRIATRKYASK
MKKLAPFVTYFLPNSIPYVNTGQEIGEKQPMNLGLDTDPNLRKVLSPTDEFFGKLAFFDHYVLHWDSPDRGVLNFIKKLI
KVRHEFLDFVLNGKFENLTTKDLVMYSYEKNGQKIVIAANVGKEPKEITGGRVWNGKWSDEEKVVLKPLEFALVVQE
;
_entity_poly.pdbx_strand_id   A
#
# COMPACT_ATOMS: atom_id res chain seq x y z
N MET A 1 6.28 -26.82 -12.34
CA MET A 1 5.56 -25.79 -11.53
C MET A 1 6.37 -25.46 -10.28
N LEU A 2 6.78 -24.20 -10.16
CA LEU A 2 7.60 -23.76 -9.03
C LEU A 2 7.05 -24.08 -7.63
N LEU A 3 5.75 -23.82 -7.43
CA LEU A 3 5.15 -24.12 -6.12
C LEU A 3 5.42 -25.58 -5.79
N ARG A 4 5.31 -26.45 -6.80
CA ARG A 4 5.58 -27.88 -6.60
C ARG A 4 7.08 -28.16 -6.41
N GLU A 5 7.96 -27.46 -7.14
CA GLU A 5 9.41 -27.63 -6.95
C GLU A 5 9.78 -27.28 -5.48
N ILE A 6 9.16 -26.22 -4.93
CA ILE A 6 9.46 -25.82 -3.55
C ILE A 6 8.98 -26.89 -2.58
N ASN A 7 7.81 -27.48 -2.86
CA ASN A 7 7.26 -28.57 -2.04
C ASN A 7 8.23 -29.76 -2.01
N ARG A 8 8.67 -30.17 -3.20
CA ARG A 8 9.61 -31.29 -3.33
C ARG A 8 10.82 -30.99 -2.45
N TYR A 9 11.40 -29.81 -2.66
CA TYR A 9 12.56 -29.39 -1.89
C TYR A 9 12.40 -29.47 -0.36
N CYS A 10 11.26 -29.01 0.16
CA CYS A 10 11.05 -29.03 1.61
C CYS A 10 11.05 -30.45 2.18
N LYS A 11 10.48 -31.39 1.42
CA LYS A 11 10.43 -32.78 1.84
C LYS A 11 11.84 -33.39 1.89
N GLU A 12 12.69 -33.04 0.92
CA GLU A 12 14.06 -33.56 0.90
C GLU A 12 14.79 -33.08 2.16
N LYS A 13 14.62 -31.78 2.46
CA LYS A 13 15.29 -31.14 3.59
C LYS A 13 14.75 -31.47 4.99
N ALA A 14 13.51 -31.89 5.09
CA ALA A 14 12.96 -32.18 6.41
C ALA A 14 13.90 -33.02 7.28
N THR A 15 13.90 -32.77 8.60
CA THR A 15 14.78 -33.51 9.51
C THR A 15 14.12 -33.76 10.85
N GLY A 16 13.02 -33.05 11.13
CA GLY A 16 12.35 -33.23 12.41
C GLY A 16 12.95 -32.44 13.56
N LYS A 17 13.91 -31.57 13.26
CA LYS A 17 14.56 -30.71 14.27
C LYS A 17 13.78 -29.39 14.48
N ARG A 18 13.10 -29.27 15.62
CA ARG A 18 12.27 -28.09 15.91
C ARG A 18 12.98 -26.96 16.67
N ILE A 19 13.58 -26.04 15.91
CA ILE A 19 14.32 -24.92 16.51
C ILE A 19 13.96 -23.57 15.87
N TYR A 20 13.02 -23.58 14.92
CA TYR A 20 12.56 -22.37 14.23
C TYR A 20 11.22 -21.91 14.86
N ALA A 21 11.26 -20.75 15.52
CA ALA A 21 10.09 -20.21 16.20
C ALA A 21 9.10 -19.46 15.33
N VAL A 22 7.81 -19.71 15.57
CA VAL A 22 6.75 -19.03 14.86
C VAL A 22 5.62 -18.77 15.88
N PRO A 23 4.79 -17.73 15.65
CA PRO A 23 3.71 -17.50 16.64
C PRO A 23 2.57 -18.53 16.47
N LYS A 24 1.97 -18.93 17.59
CA LYS A 24 0.89 -19.94 17.58
C LYS A 24 -0.18 -19.69 16.51
N LEU A 25 -0.53 -18.43 16.24
CA LEU A 25 -1.50 -18.11 15.19
C LEU A 25 -1.02 -18.50 13.76
N TRP A 26 0.28 -18.70 13.57
CA TRP A 26 0.75 -19.07 12.24
C TRP A 26 0.56 -20.56 11.96
N ILE A 27 0.45 -21.37 13.01
CA ILE A 27 0.28 -22.82 12.91
C ILE A 27 -1.17 -23.18 12.53
N PRO A 28 -1.40 -23.75 11.33
CA PRO A 28 -2.80 -24.08 10.97
C PRO A 28 -3.36 -25.28 11.76
N GLY A 29 -4.69 -25.42 11.76
CA GLY A 29 -5.35 -26.53 12.46
C GLY A 29 -4.87 -27.94 12.08
N PHE A 30 -4.58 -28.15 10.80
CA PHE A 30 -4.09 -29.46 10.39
C PHE A 30 -2.64 -29.79 10.82
N PHE A 31 -1.80 -28.77 11.03
CA PHE A 31 -0.39 -29.03 11.43
C PHE A 31 -0.27 -29.42 12.89
N LYS A 32 0.39 -30.55 13.17
CA LYS A 32 0.53 -31.03 14.53
C LYS A 32 1.95 -31.19 15.02
N LYS A 33 2.89 -31.19 14.08
CA LYS A 33 4.30 -31.36 14.42
C LYS A 33 4.98 -30.09 14.97
N PHE A 34 4.74 -29.79 16.25
CA PHE A 34 5.34 -28.62 16.85
C PHE A 34 5.43 -28.75 18.35
N ASP A 35 6.41 -28.07 18.94
CA ASP A 35 6.61 -28.08 20.38
C ASP A 35 6.14 -26.75 20.90
N GLU A 36 5.53 -26.73 22.08
CA GLU A 36 5.07 -25.46 22.64
C GLU A 36 5.79 -25.21 23.96
N LYS A 37 6.69 -24.24 23.95
CA LYS A 37 7.48 -23.87 25.12
C LYS A 37 7.39 -22.36 25.33
N SER A 38 7.27 -21.95 26.58
CA SER A 38 7.21 -20.57 26.93
C SER A 38 6.30 -19.67 26.11
N GLY A 39 5.09 -20.08 25.76
CA GLY A 39 4.28 -19.15 25.00
C GLY A 39 4.39 -19.32 23.49
N ARG A 40 5.60 -19.52 22.95
CA ARG A 40 5.72 -19.71 21.50
C ARG A 40 5.87 -21.18 21.06
N CYS A 41 5.83 -21.40 19.74
CA CYS A 41 5.93 -22.72 19.16
C CYS A 41 7.17 -22.89 18.26
N PHE A 42 7.72 -24.10 18.27
CA PHE A 42 8.89 -24.43 17.47
C PHE A 42 8.62 -25.55 16.45
N VAL A 43 9.21 -25.41 15.27
CA VAL A 43 9.04 -26.39 14.21
C VAL A 43 10.27 -26.49 13.32
N ASP A 44 10.20 -27.47 12.42
CA ASP A 44 11.20 -27.71 11.40
C ASP A 44 10.51 -26.93 10.29
N PRO A 45 11.10 -25.82 9.89
CA PRO A 45 10.48 -25.00 8.83
C PRO A 45 10.21 -25.79 7.55
N TYR A 46 11.02 -26.82 7.32
CA TYR A 46 10.82 -27.66 6.12
C TYR A 46 9.54 -28.51 6.24
N GLU A 47 9.24 -29.02 7.44
CA GLU A 47 8.01 -29.81 7.68
C GLU A 47 6.79 -28.90 7.61
N LEU A 48 6.91 -27.68 8.14
CA LEU A 48 5.81 -26.71 8.12
C LEU A 48 5.53 -26.31 6.68
N GLY A 49 6.60 -25.98 5.95
CA GLY A 49 6.48 -25.61 4.54
C GLY A 49 6.00 -26.77 3.66
N ALA A 50 6.40 -28.00 3.98
CA ALA A 50 5.96 -29.15 3.19
C ALA A 50 4.46 -29.44 3.41
N GLU A 51 4.02 -29.47 4.67
CA GLU A 51 2.60 -29.72 4.93
C GLU A 51 1.65 -28.61 4.46
N ILE A 52 2.11 -27.36 4.52
CA ILE A 52 1.25 -26.28 4.06
C ILE A 52 1.21 -26.24 2.51
N THR A 53 2.34 -26.43 1.85
CA THR A 53 2.28 -26.40 0.39
C THR A 53 1.47 -27.60 -0.13
N ASP A 54 1.50 -28.70 0.62
CA ASP A 54 0.71 -29.89 0.28
C ASP A 54 -0.77 -29.52 0.34
N TRP A 55 -1.13 -28.83 1.42
CA TRP A 55 -2.51 -28.40 1.64
C TRP A 55 -3.00 -27.51 0.52
N ILE A 56 -2.12 -26.66 -0.01
CA ILE A 56 -2.49 -25.78 -1.13
C ILE A 56 -2.49 -26.53 -2.48
N LEU A 57 -1.46 -27.32 -2.72
CA LEU A 57 -1.36 -28.04 -3.99
C LEU A 57 -2.53 -29.02 -4.21
N ASN A 58 -2.98 -29.67 -3.14
CA ASN A 58 -4.09 -30.62 -3.23
C ASN A 58 -5.44 -29.98 -3.58
N GLN A 59 -5.50 -28.65 -3.70
CA GLN A 59 -6.77 -28.02 -4.03
C GLN A 59 -6.73 -27.56 -5.49
N SER A 60 -5.62 -27.82 -6.16
CA SER A 60 -5.47 -27.41 -7.55
C SER A 60 -6.05 -28.41 -8.54
N ARG A 61 -6.24 -27.94 -9.75
CA ARG A 61 -6.75 -28.76 -10.84
C ARG A 61 -5.62 -28.69 -11.86
N GLU A 62 -5.91 -28.93 -13.14
CA GLU A 62 -4.88 -28.85 -14.18
C GLU A 62 -5.01 -27.61 -15.07
N TRP A 63 -4.62 -26.45 -14.53
CA TRP A 63 -4.61 -25.19 -15.26
C TRP A 63 -3.29 -24.52 -14.91
N ASP A 64 -3.03 -23.40 -15.56
CA ASP A 64 -1.81 -22.67 -15.33
C ASP A 64 -2.08 -21.50 -14.39
N TYR A 65 -1.59 -21.62 -13.16
CA TYR A 65 -1.80 -20.59 -12.15
C TYR A 65 -0.81 -19.43 -12.16
N SER A 66 -0.01 -19.31 -13.21
CA SER A 66 0.96 -18.23 -13.32
C SER A 66 0.38 -17.10 -14.17
N GLN A 67 -0.92 -17.14 -14.41
CA GLN A 67 -1.58 -16.07 -15.16
C GLN A 67 -2.75 -15.54 -14.33
N PRO A 68 -3.29 -14.33 -14.67
CA PRO A 68 -4.41 -13.79 -13.90
C PRO A 68 -5.61 -14.73 -13.77
N LEU A 69 -6.27 -14.70 -12.61
CA LEU A 69 -7.44 -15.55 -12.38
C LEU A 69 -8.53 -15.21 -13.38
N SER A 70 -8.52 -14.00 -13.90
CA SER A 70 -9.52 -13.58 -14.86
C SER A 70 -9.46 -14.48 -16.08
N PHE A 71 -8.27 -14.98 -16.39
CA PHE A 71 -8.11 -15.88 -17.53
C PHE A 71 -8.77 -17.23 -17.24
N LEU A 72 -8.38 -17.90 -16.15
CA LEU A 72 -8.95 -19.19 -15.79
C LEU A 72 -10.46 -19.09 -15.62
N LYS A 73 -10.96 -17.88 -15.33
CA LYS A 73 -12.40 -17.67 -15.13
C LYS A 73 -13.09 -17.12 -16.35
N GLY A 74 -12.32 -16.60 -17.30
CA GLY A 74 -12.91 -16.06 -18.49
C GLY A 74 -13.56 -14.70 -18.28
N GLU A 75 -12.88 -13.81 -17.55
CA GLU A 75 -13.48 -12.51 -17.32
C GLU A 75 -12.91 -11.45 -18.26
N LYS A 76 -13.80 -10.56 -18.70
CA LYS A 76 -13.42 -9.50 -19.62
C LYS A 76 -13.64 -8.09 -19.06
N THR A 77 -14.15 -8.00 -17.83
CA THR A 77 -14.39 -6.71 -17.18
C THR A 77 -13.87 -6.75 -15.73
N PRO A 78 -13.60 -5.58 -15.12
CA PRO A 78 -13.11 -5.54 -13.73
C PRO A 78 -14.21 -5.60 -12.65
N ASP A 79 -15.34 -6.24 -12.98
CA ASP A 79 -16.45 -6.34 -12.04
C ASP A 79 -16.12 -7.14 -10.79
N TRP A 80 -15.11 -7.98 -10.88
CA TRP A 80 -14.75 -8.78 -9.74
C TRP A 80 -14.36 -8.01 -8.45
N ILE A 81 -13.68 -6.87 -8.59
CA ILE A 81 -13.27 -6.10 -7.41
C ILE A 81 -14.44 -5.73 -6.51
N LYS A 82 -15.61 -5.48 -7.10
CA LYS A 82 -16.80 -5.12 -6.31
C LYS A 82 -17.30 -6.22 -5.37
N ARG A 83 -16.86 -7.46 -5.58
CA ARG A 83 -17.33 -8.55 -4.73
C ARG A 83 -16.22 -9.06 -3.83
N SER A 84 -15.09 -8.36 -3.85
CA SER A 84 -13.90 -8.75 -3.09
C SER A 84 -13.75 -8.12 -1.70
N VAL A 85 -12.89 -8.77 -0.90
CA VAL A 85 -12.52 -8.36 0.45
C VAL A 85 -10.98 -8.34 0.47
N VAL A 86 -10.40 -7.14 0.55
CA VAL A 86 -8.94 -6.90 0.55
C VAL A 86 -8.13 -6.90 1.87
N TYR A 87 -7.00 -7.61 1.90
CA TYR A 87 -6.10 -7.60 3.04
C TYR A 87 -4.84 -6.81 2.59
N GLY A 88 -4.57 -5.66 3.22
CA GLY A 88 -3.41 -4.85 2.84
C GLY A 88 -2.13 -5.16 3.61
N SER A 89 -1.03 -5.36 2.90
CA SER A 89 0.23 -5.68 3.58
C SER A 89 1.59 -5.17 3.05
N LEU A 90 2.54 -5.02 3.98
CA LEU A 90 3.95 -4.63 3.74
C LEU A 90 4.64 -5.92 4.22
N PRO A 91 4.87 -6.84 3.28
CA PRO A 91 5.49 -8.16 3.49
C PRO A 91 6.62 -8.18 4.49
N ARG A 92 7.49 -7.19 4.36
CA ARG A 92 8.62 -7.08 5.26
C ARG A 92 8.19 -7.09 6.75
N THR A 93 7.06 -6.44 7.05
CA THR A 93 6.55 -6.36 8.43
C THR A 93 5.59 -7.49 8.81
N THR A 94 4.60 -7.74 7.95
CA THR A 94 3.60 -8.77 8.20
C THR A 94 4.20 -10.14 8.59
N ALA A 95 5.28 -10.55 7.91
CA ALA A 95 5.90 -11.87 8.12
C ALA A 95 7.18 -11.88 8.93
N ALA A 96 7.46 -10.80 9.65
CA ALA A 96 8.66 -10.73 10.47
C ALA A 96 8.41 -11.41 11.78
N TYR A 97 9.45 -12.06 12.33
CA TYR A 97 9.33 -12.73 13.60
C TYR A 97 10.70 -13.28 14.01
N ASN A 98 11.03 -13.14 15.30
CA ASN A 98 12.30 -13.63 15.82
C ASN A 98 12.30 -15.18 15.89
N HIS A 99 12.78 -15.85 14.83
CA HIS A 99 12.78 -17.32 14.82
C HIS A 99 13.73 -18.01 15.80
N LYS A 100 14.60 -17.27 16.45
CA LYS A 100 15.50 -17.87 17.45
C LYS A 100 14.68 -18.34 18.65
N GLY A 101 13.59 -17.62 18.92
CA GLY A 101 12.72 -17.94 20.04
C GLY A 101 13.16 -17.36 21.39
N SER A 102 14.13 -16.45 21.38
CA SER A 102 14.64 -15.78 22.59
C SER A 102 15.47 -14.54 22.22
N GLY A 103 15.69 -13.65 23.18
CA GLY A 103 16.46 -12.44 22.92
C GLY A 103 15.82 -11.44 21.97
N TYR A 104 16.66 -10.69 21.24
CA TYR A 104 16.17 -9.67 20.32
C TYR A 104 16.16 -10.08 18.86
N TYR A 105 15.24 -9.45 18.12
CA TYR A 105 15.10 -9.63 16.70
C TYR A 105 16.40 -9.24 15.97
N GLU A 106 16.68 -9.91 14.84
CA GLU A 106 17.86 -9.66 13.98
C GLU A 106 17.46 -9.90 12.53
N GLU A 107 17.84 -9.00 11.65
CA GLU A 107 17.55 -9.16 10.22
C GLU A 107 17.90 -10.61 9.78
N ASN A 108 19.07 -11.10 10.19
CA ASN A 108 19.50 -12.45 9.87
C ASN A 108 20.24 -12.99 11.10
N ASP A 109 19.89 -14.19 11.57
CA ASP A 109 20.53 -14.72 12.77
C ASP A 109 21.59 -15.82 12.55
N VAL A 110 22.19 -16.25 13.66
CA VAL A 110 23.27 -17.24 13.65
C VAL A 110 22.83 -18.69 13.34
N LEU A 111 21.52 -18.92 13.29
CA LEU A 111 20.97 -20.23 13.01
C LEU A 111 20.72 -20.32 11.49
N GLY A 112 20.96 -19.22 10.79
CA GLY A 112 20.77 -19.17 9.35
C GLY A 112 19.42 -18.63 8.94
N PHE A 113 18.61 -18.23 9.91
CA PHE A 113 17.27 -17.76 9.58
C PHE A 113 17.11 -16.24 9.29
N ARG A 114 16.32 -15.92 8.29
CA ARG A 114 16.00 -14.52 7.99
C ARG A 114 14.73 -14.17 8.83
N GLU A 115 14.88 -13.34 9.87
CA GLU A 115 13.76 -12.97 10.72
C GLU A 115 12.87 -11.93 10.04
N ALA A 116 13.43 -11.14 9.11
CA ALA A 116 12.61 -10.19 8.38
C ALA A 116 11.64 -10.98 7.51
N GLY A 117 10.60 -10.33 7.01
CA GLY A 117 9.61 -11.00 6.17
C GLY A 117 10.10 -11.46 4.80
N THR A 118 9.59 -12.61 4.31
CA THR A 118 9.99 -13.15 3.02
C THR A 118 8.78 -13.66 2.22
N PHE A 119 8.94 -13.83 0.92
CA PHE A 119 7.84 -14.35 0.12
C PHE A 119 7.46 -15.78 0.55
N PHE A 120 8.45 -16.53 1.03
CA PHE A 120 8.22 -17.88 1.49
C PHE A 120 7.26 -17.84 2.71
N LYS A 121 7.51 -16.91 3.63
CA LYS A 121 6.65 -16.81 4.80
C LYS A 121 5.29 -16.25 4.47
N MET A 122 5.24 -15.34 3.48
CA MET A 122 3.99 -14.76 3.05
C MET A 122 3.11 -15.86 2.47
N MET A 123 3.75 -16.95 2.11
CA MET A 123 3.05 -18.09 1.56
C MET A 123 2.55 -18.98 2.69
N LEU A 124 3.39 -19.20 3.69
CA LEU A 124 2.99 -19.99 4.86
C LEU A 124 1.77 -19.34 5.58
N LEU A 125 1.60 -18.03 5.43
CA LEU A 125 0.50 -17.32 6.09
C LEU A 125 -0.79 -17.32 5.30
N LEU A 126 -0.75 -17.78 4.06
CA LEU A 126 -1.95 -17.80 3.24
C LEU A 126 -3.14 -18.50 3.94
N PRO A 127 -2.90 -19.57 4.70
CA PRO A 127 -4.07 -20.19 5.36
C PRO A 127 -4.70 -19.18 6.39
N PHE A 128 -3.86 -18.36 7.05
CA PHE A 128 -4.35 -17.34 7.99
C PHE A 128 -5.16 -16.27 7.24
N VAL A 129 -4.59 -15.65 6.21
CA VAL A 129 -5.29 -14.62 5.45
C VAL A 129 -6.64 -15.10 4.97
N LYS A 130 -6.64 -16.35 4.50
CA LYS A 130 -7.84 -16.99 3.99
C LYS A 130 -8.90 -17.16 5.11
N SER A 131 -8.47 -17.44 6.34
CA SER A 131 -9.40 -17.57 7.46
C SER A 131 -10.04 -16.21 7.86
N LEU A 132 -9.50 -15.11 7.38
CA LEU A 132 -10.09 -13.80 7.71
C LEU A 132 -11.23 -13.53 6.72
N GLY A 133 -11.31 -14.33 5.66
CA GLY A 133 -12.35 -14.12 4.66
C GLY A 133 -11.87 -13.25 3.50
N ALA A 134 -10.59 -12.87 3.50
CA ALA A 134 -10.09 -12.05 2.40
C ALA A 134 -9.82 -12.87 1.13
N ASP A 135 -10.12 -12.29 -0.04
CA ASP A 135 -9.88 -12.95 -1.31
C ASP A 135 -9.04 -12.14 -2.33
N ALA A 136 -8.30 -11.17 -1.81
CA ALA A 136 -7.40 -10.33 -2.60
C ALA A 136 -6.40 -9.75 -1.61
N ILE A 137 -5.13 -9.77 -1.99
CA ILE A 137 -4.07 -9.23 -1.14
C ILE A 137 -3.44 -8.04 -1.87
N TYR A 138 -3.38 -6.90 -1.18
CA TYR A 138 -2.80 -5.70 -1.74
C TYR A 138 -1.45 -5.57 -1.08
N LEU A 139 -0.40 -5.31 -1.87
CA LEU A 139 0.96 -5.17 -1.32
C LEU A 139 1.54 -3.80 -1.61
N LEU A 140 2.32 -3.27 -0.66
CA LEU A 140 2.98 -1.96 -0.88
C LEU A 140 4.17 -2.31 -1.82
N PRO A 141 4.83 -1.29 -2.38
CA PRO A 141 5.95 -1.53 -3.29
C PRO A 141 6.93 -2.60 -2.82
N VAL A 142 7.22 -3.58 -3.67
CA VAL A 142 8.18 -4.62 -3.31
C VAL A 142 9.37 -4.63 -4.30
N SER A 143 9.46 -3.57 -5.09
CA SER A 143 10.55 -3.43 -6.03
C SER A 143 11.85 -3.19 -5.26
N ARG A 144 12.99 -3.18 -5.96
CA ARG A 144 14.27 -2.97 -5.29
C ARG A 144 14.29 -1.59 -4.62
N MET A 145 14.76 -1.56 -3.38
CA MET A 145 14.78 -0.33 -2.61
C MET A 145 16.17 0.28 -2.36
N SER A 146 16.28 1.61 -2.44
CA SER A 146 17.55 2.29 -2.17
C SER A 146 17.88 2.28 -0.66
N ASP A 147 19.16 2.21 -0.33
CA ASP A 147 19.61 2.26 1.06
C ASP A 147 20.30 3.59 1.39
N LEU A 148 20.08 4.61 0.58
CA LEU A 148 20.65 5.95 0.83
C LEU A 148 19.59 6.91 1.38
N PHE A 149 20.03 7.84 2.24
CA PHE A 149 19.12 8.83 2.83
C PHE A 149 17.92 8.17 3.59
N LYS A 150 18.23 7.19 4.43
CA LYS A 150 17.20 6.51 5.22
C LYS A 150 16.89 7.24 6.51
N LYS A 151 15.69 7.03 7.05
CA LYS A 151 15.33 7.66 8.31
C LYS A 151 15.72 6.76 9.47
N GLY A 152 15.59 5.45 9.30
CA GLY A 152 15.94 4.50 10.33
C GLY A 152 16.80 3.41 9.71
N ASP A 153 16.87 2.23 10.33
CA ASP A 153 17.67 1.12 9.78
C ASP A 153 17.05 0.32 8.62
N ALA A 154 15.84 0.70 8.20
CA ALA A 154 15.17 0.02 7.11
C ALA A 154 14.68 1.02 6.07
N PRO A 155 14.81 0.67 4.78
CA PRO A 155 14.37 1.60 3.73
C PRO A 155 12.87 1.70 3.53
N SER A 156 12.43 2.82 2.98
CA SER A 156 11.03 3.01 2.69
C SER A 156 10.67 2.28 1.38
N PRO A 157 9.60 1.45 1.39
CA PRO A 157 9.26 0.78 0.14
C PRO A 157 9.06 1.77 -0.98
N TYR A 158 8.94 3.04 -0.65
CA TYR A 158 8.73 4.03 -1.68
C TYR A 158 9.94 4.66 -2.42
N SER A 159 11.17 4.36 -2.02
CA SER A 159 12.30 4.90 -2.78
C SER A 159 12.75 3.71 -3.64
N VAL A 160 12.17 3.69 -4.83
CA VAL A 160 12.39 2.65 -5.84
C VAL A 160 13.73 2.82 -6.54
N LYS A 161 14.66 1.92 -6.27
CA LYS A 161 15.96 1.96 -6.93
C LYS A 161 15.87 1.29 -8.32
N ASN A 162 14.95 0.33 -8.51
CA ASN A 162 14.73 -0.36 -9.78
C ASN A 162 13.28 -0.85 -9.92
N PRO A 163 12.46 -0.17 -10.75
CA PRO A 163 11.07 -0.61 -10.90
C PRO A 163 10.91 -2.03 -11.50
N MET A 164 11.89 -2.48 -12.29
CA MET A 164 11.78 -3.79 -12.92
C MET A 164 12.25 -5.00 -12.12
N GLU A 165 12.89 -4.78 -10.97
CA GLU A 165 13.36 -5.88 -10.14
C GLU A 165 12.71 -5.90 -8.75
N LEU A 166 12.65 -7.10 -8.16
CA LEU A 166 12.12 -7.28 -6.81
C LEU A 166 13.33 -7.15 -5.90
N ASP A 167 13.11 -6.76 -4.66
CA ASP A 167 14.24 -6.62 -3.75
C ASP A 167 14.72 -7.99 -3.28
N GLU A 168 16.01 -8.25 -3.49
CA GLU A 168 16.66 -9.50 -3.09
C GLU A 168 16.43 -9.84 -1.61
N ARG A 169 16.09 -8.85 -0.79
CA ARG A 169 15.84 -9.13 0.64
C ARG A 169 14.62 -9.99 0.91
N TYR A 170 13.70 -10.06 -0.06
CA TYR A 170 12.51 -10.90 0.08
C TYR A 170 12.79 -12.38 -0.21
N HIS A 171 14.04 -12.70 -0.56
CA HIS A 171 14.46 -14.08 -0.79
C HIS A 171 14.64 -14.69 0.61
N ASP A 172 14.31 -15.96 0.75
CA ASP A 172 14.48 -16.61 2.04
C ASP A 172 15.65 -17.63 1.96
N PRO A 173 16.68 -17.44 2.80
CA PRO A 173 17.85 -18.32 2.83
C PRO A 173 17.52 -19.81 3.02
N LEU A 174 16.30 -20.13 3.48
CA LEU A 174 15.91 -21.53 3.65
C LEU A 174 15.78 -22.23 2.28
N LEU A 175 15.43 -21.43 1.27
CA LEU A 175 15.28 -21.88 -0.11
C LEU A 175 16.52 -21.45 -0.93
N GLU A 176 17.71 -21.76 -0.43
CA GLU A 176 18.98 -21.40 -1.09
C GLU A 176 18.98 -21.66 -2.61
N PRO A 177 18.59 -22.88 -3.02
CA PRO A 177 18.53 -23.28 -4.43
C PRO A 177 17.63 -22.44 -5.33
N PHE A 178 16.87 -21.49 -4.76
CA PHE A 178 15.97 -20.69 -5.58
C PHE A 178 16.32 -19.21 -5.60
N LYS A 179 15.80 -18.51 -6.62
CA LYS A 179 16.00 -17.08 -6.81
C LYS A 179 14.71 -16.35 -6.36
N VAL A 180 14.81 -15.06 -6.07
CA VAL A 180 13.70 -14.24 -5.59
C VAL A 180 12.50 -14.14 -6.54
N ASP A 181 12.75 -13.99 -7.83
CA ASP A 181 11.66 -13.91 -8.79
C ASP A 181 10.88 -15.24 -8.89
N GLU A 182 11.50 -16.34 -8.46
CA GLU A 182 10.81 -17.64 -8.50
C GLU A 182 9.88 -17.74 -7.28
N GLU A 183 10.44 -17.43 -6.12
CA GLU A 183 9.72 -17.47 -4.86
C GLU A 183 8.45 -16.60 -4.99
N PHE A 184 8.60 -15.46 -5.62
CA PHE A 184 7.46 -14.59 -5.81
C PHE A 184 6.45 -15.20 -6.77
N LYS A 185 6.94 -15.78 -7.87
CA LYS A 185 6.03 -16.38 -8.86
C LYS A 185 5.26 -17.52 -8.20
N ALA A 186 5.97 -18.29 -7.37
CA ALA A 186 5.37 -19.40 -6.63
C ALA A 186 4.35 -18.86 -5.61
N PHE A 187 4.61 -17.67 -5.06
CA PHE A 187 3.70 -17.06 -4.09
C PHE A 187 2.36 -16.73 -4.79
N VAL A 188 2.45 -16.14 -5.97
CA VAL A 188 1.28 -15.77 -6.75
C VAL A 188 0.49 -16.98 -7.27
N GLU A 189 1.18 -18.11 -7.47
CA GLU A 189 0.53 -19.34 -7.92
C GLU A 189 -0.33 -19.84 -6.75
N ALA A 190 0.27 -19.87 -5.56
CA ALA A 190 -0.43 -20.28 -4.36
C ALA A 190 -1.72 -19.44 -4.14
N CYS A 191 -1.62 -18.12 -4.29
CA CYS A 191 -2.80 -17.26 -4.10
C CYS A 191 -3.89 -17.60 -5.11
N HIS A 192 -3.49 -17.84 -6.36
CA HIS A 192 -4.49 -18.15 -7.39
C HIS A 192 -5.20 -19.48 -7.15
N ILE A 193 -4.44 -20.50 -6.75
CA ILE A 193 -5.03 -21.80 -6.44
C ILE A 193 -6.11 -21.61 -5.36
N LEU A 194 -5.82 -20.78 -4.37
CA LEU A 194 -6.75 -20.52 -3.28
C LEU A 194 -7.84 -19.51 -3.59
N GLY A 195 -7.85 -18.96 -4.81
CA GLY A 195 -8.88 -17.99 -5.16
C GLY A 195 -8.52 -16.56 -4.80
N ILE A 196 -7.30 -16.36 -4.32
CA ILE A 196 -6.79 -15.06 -3.90
C ILE A 196 -6.08 -14.22 -4.98
N ARG A 197 -6.62 -13.04 -5.28
CA ARG A 197 -6.04 -12.12 -6.28
C ARG A 197 -4.86 -11.31 -5.69
N VAL A 198 -3.99 -10.81 -6.57
CA VAL A 198 -2.83 -10.04 -6.13
C VAL A 198 -2.82 -8.67 -6.82
N ILE A 199 -2.61 -7.62 -6.02
CA ILE A 199 -2.60 -6.23 -6.50
C ILE A 199 -1.31 -5.58 -5.99
N LEU A 200 -0.52 -5.03 -6.91
CA LEU A 200 0.74 -4.39 -6.53
C LEU A 200 0.70 -2.86 -6.59
N ASP A 201 1.76 -2.22 -6.09
CA ASP A 201 1.81 -0.74 -6.06
C ASP A 201 3.02 -0.15 -6.82
N PHE A 202 2.80 0.92 -7.57
CA PHE A 202 3.89 1.56 -8.33
C PHE A 202 3.80 3.08 -8.27
N ILE A 203 4.94 3.76 -8.34
CA ILE A 203 4.99 5.24 -8.34
C ILE A 203 5.80 5.67 -9.56
N PRO A 204 5.11 5.96 -10.66
CA PRO A 204 5.79 6.37 -11.89
C PRO A 204 6.65 7.67 -11.83
N ARG A 205 6.08 8.75 -11.28
CA ARG A 205 6.74 10.07 -11.22
C ARG A 205 8.07 10.28 -10.47
N THR A 206 8.46 9.32 -9.63
CA THR A 206 9.68 9.45 -8.83
C THR A 206 10.67 8.28 -9.00
N ALA A 207 11.78 8.35 -8.27
CA ALA A 207 12.80 7.31 -8.27
C ALA A 207 13.78 7.55 -7.12
N ALA A 208 14.50 6.51 -6.70
CA ALA A 208 15.49 6.68 -5.63
C ALA A 208 16.54 7.70 -6.08
N ARG A 209 17.27 8.29 -5.12
CA ARG A 209 18.32 9.29 -5.39
C ARG A 209 19.41 8.66 -6.25
N ASP A 210 19.64 7.36 -6.05
CA ASP A 210 20.65 6.61 -6.79
C ASP A 210 20.01 5.51 -7.66
N SER A 211 18.94 5.87 -8.35
CA SER A 211 18.23 4.95 -9.24
C SER A 211 19.19 4.21 -10.18
N ASP A 212 18.94 2.92 -10.39
CA ASP A 212 19.76 2.09 -11.29
C ASP A 212 19.72 2.63 -12.73
N LEU A 213 18.68 3.38 -13.07
CA LEU A 213 18.50 3.93 -14.41
C LEU A 213 19.52 5.05 -14.72
N ILE A 214 20.33 5.42 -13.73
CA ILE A 214 21.31 6.50 -13.91
C ILE A 214 22.52 6.18 -14.84
N ARG A 215 23.02 4.95 -14.80
CA ARG A 215 24.15 4.57 -15.65
C ARG A 215 23.83 4.70 -17.14
N GLU A 216 22.69 4.18 -17.58
CA GLU A 216 22.30 4.26 -18.98
C GLU A 216 21.47 5.49 -19.36
N HIS A 217 20.91 6.17 -18.38
CA HIS A 217 20.10 7.35 -18.68
C HIS A 217 20.30 8.50 -17.69
N PRO A 218 21.55 8.97 -17.53
CA PRO A 218 21.82 10.06 -16.61
C PRO A 218 21.00 11.32 -16.90
N ASP A 219 20.54 11.45 -18.14
CA ASP A 219 19.75 12.61 -18.51
C ASP A 219 18.25 12.47 -18.24
N TRP A 220 17.86 11.48 -17.46
CA TRP A 220 16.45 11.29 -17.08
C TRP A 220 16.19 11.88 -15.67
N PHE A 221 17.27 12.35 -15.04
CA PHE A 221 17.25 12.96 -13.71
C PHE A 221 17.70 14.44 -13.75
N TYR A 222 17.52 15.16 -12.63
CA TYR A 222 17.96 16.56 -12.53
C TYR A 222 19.23 16.57 -11.70
N TRP A 223 20.00 17.65 -11.75
CA TRP A 223 21.25 17.74 -10.99
C TRP A 223 21.49 19.12 -10.37
N ILE A 224 22.15 19.13 -9.20
CA ILE A 224 22.50 20.37 -8.51
C ILE A 224 23.91 20.24 -7.95
N LYS A 225 24.57 21.38 -7.75
CA LYS A 225 25.93 21.42 -7.22
C LYS A 225 25.94 20.85 -5.80
N VAL A 226 26.88 19.97 -5.52
CA VAL A 226 27.00 19.39 -4.19
C VAL A 226 27.00 20.46 -3.08
N GLU A 227 27.73 21.55 -3.28
CA GLU A 227 27.79 22.63 -2.26
C GLU A 227 26.45 23.29 -1.98
N GLU A 228 25.44 22.96 -2.80
CA GLU A 228 24.10 23.50 -2.63
C GLU A 228 23.12 22.48 -2.04
N LEU A 229 23.64 21.32 -1.60
CA LEU A 229 22.82 20.23 -1.04
C LEU A 229 22.16 20.61 0.31
N ALA A 230 22.99 21.03 1.26
CA ALA A 230 22.55 21.41 2.61
C ALA A 230 21.35 22.34 2.70
N ASP A 231 21.36 23.42 1.94
CA ASP A 231 20.28 24.42 1.97
C ASP A 231 19.26 24.33 0.83
N TYR A 232 19.17 23.17 0.18
CA TYR A 232 18.23 22.99 -0.91
C TYR A 232 16.84 22.85 -0.25
N THR A 233 15.95 23.79 -0.49
CA THR A 233 14.59 23.74 0.06
C THR A 233 13.67 24.43 -0.91
N PRO A 234 12.37 24.11 -0.89
CA PRO A 234 11.42 24.77 -1.81
C PRO A 234 11.24 26.24 -1.48
N PRO A 235 11.60 27.15 -2.42
CA PRO A 235 11.48 28.59 -2.20
C PRO A 235 10.07 29.08 -1.84
N ARG A 236 9.93 29.62 -0.63
CA ARG A 236 8.65 30.12 -0.15
C ARG A 236 8.29 31.51 -0.66
N ALA A 237 6.99 31.83 -0.59
CA ALA A 237 6.43 33.13 -0.97
C ALA A 237 5.20 33.29 -0.06
N GLU A 238 5.47 33.68 1.18
CA GLU A 238 4.48 33.87 2.25
C GLU A 238 3.21 34.61 1.88
N GLU A 239 3.34 35.67 1.09
CA GLU A 239 2.20 36.47 0.67
C GLU A 239 1.24 35.67 -0.22
N LEU A 240 1.62 34.45 -0.61
CA LEU A 240 0.77 33.61 -1.46
C LEU A 240 0.15 32.49 -0.65
N PRO A 241 -1.02 31.99 -1.10
CA PRO A 241 -1.69 30.89 -0.39
C PRO A 241 -0.85 29.62 -0.38
N PHE A 242 -1.27 28.65 0.42
CA PHE A 242 -0.60 27.35 0.54
C PHE A 242 -1.32 26.42 -0.43
N LYS A 243 -0.85 26.40 -1.67
CA LYS A 243 -1.46 25.58 -2.71
C LYS A 243 -0.55 25.41 -3.93
N VAL A 244 -1.01 24.64 -4.89
CA VAL A 244 -0.27 24.48 -6.13
C VAL A 244 -0.61 25.77 -6.87
N PRO A 245 0.41 26.54 -7.24
CA PRO A 245 0.21 27.81 -7.97
C PRO A 245 -0.47 27.72 -9.32
N ASP A 246 -1.21 28.77 -9.66
CA ASP A 246 -1.86 28.81 -10.95
C ASP A 246 -0.94 29.56 -11.92
N GLU A 247 -1.48 29.89 -13.10
CA GLU A 247 -0.71 30.59 -14.13
C GLU A 247 -0.21 31.98 -13.74
N ASP A 248 -1.11 32.83 -13.25
CA ASP A 248 -0.77 34.20 -12.85
C ASP A 248 0.34 34.30 -11.81
N GLU A 249 0.30 33.41 -10.82
CA GLU A 249 1.28 33.36 -9.74
C GLU A 249 2.68 32.98 -10.23
N LEU A 250 2.76 32.23 -11.31
CA LEU A 250 4.07 31.82 -11.85
C LEU A 250 4.86 33.06 -12.23
N GLU A 251 4.17 34.03 -12.83
CA GLU A 251 4.82 35.28 -13.23
C GLU A 251 5.41 35.96 -11.99
N ILE A 252 4.70 35.91 -10.86
CA ILE A 252 5.21 36.52 -9.63
C ILE A 252 6.35 35.69 -9.03
N ILE A 253 6.13 34.38 -8.93
CA ILE A 253 7.11 33.45 -8.37
C ILE A 253 8.45 33.53 -9.05
N TYR A 254 8.44 33.61 -10.39
CA TYR A 254 9.69 33.66 -11.14
C TYR A 254 10.45 34.99 -11.02
N ASN A 255 9.80 36.01 -10.47
CA ASN A 255 10.44 37.31 -10.26
C ASN A 255 10.93 37.50 -8.83
N LYS A 256 10.84 36.45 -8.02
CA LYS A 256 11.30 36.50 -6.63
C LYS A 256 12.79 36.22 -6.60
N GLU A 257 13.46 36.89 -5.66
CA GLU A 257 14.90 36.72 -5.55
C GLU A 257 15.35 35.32 -5.13
N ASN A 258 14.63 34.72 -4.18
CA ASN A 258 14.99 33.37 -3.73
C ASN A 258 14.74 32.28 -4.78
N VAL A 259 13.75 32.50 -5.64
CA VAL A 259 13.42 31.54 -6.69
C VAL A 259 14.56 31.59 -7.71
N LYS A 260 15.00 32.81 -8.02
CA LYS A 260 16.09 32.98 -8.95
C LYS A 260 17.37 32.34 -8.39
N ARG A 261 17.58 32.39 -7.08
CA ARG A 261 18.77 31.76 -6.52
C ARG A 261 18.59 30.23 -6.63
N HIS A 262 17.34 29.79 -6.49
CA HIS A 262 17.02 28.37 -6.61
C HIS A 262 17.38 27.89 -8.01
N LEU A 263 16.82 28.52 -9.04
CA LEU A 263 17.11 28.13 -10.42
C LEU A 263 18.60 28.02 -10.73
N LYS A 264 19.42 28.81 -10.05
CA LYS A 264 20.85 28.80 -10.31
C LYS A 264 21.65 27.65 -9.69
N LYS A 265 20.98 26.77 -8.94
CA LYS A 265 21.68 25.65 -8.29
C LYS A 265 21.89 24.40 -9.17
N PHE A 266 21.14 24.35 -10.26
CA PHE A 266 21.15 23.21 -11.19
C PHE A 266 22.27 23.18 -12.25
N THR A 267 22.62 21.98 -12.70
CA THR A 267 23.65 21.77 -13.73
C THR A 267 23.14 20.89 -14.87
N LEU A 268 24.02 20.56 -15.82
CA LEU A 268 23.67 19.68 -16.93
C LEU A 268 24.06 18.27 -16.46
N PRO A 269 23.48 17.22 -17.10
CA PRO A 269 23.80 15.85 -16.70
C PRO A 269 25.31 15.57 -16.78
N PRO A 270 25.82 14.59 -16.03
CA PRO A 270 27.25 14.27 -16.04
C PRO A 270 27.77 13.86 -17.43
N ASN A 271 26.90 13.30 -18.26
CA ASN A 271 27.27 12.88 -19.61
C ASN A 271 27.57 14.09 -20.53
N LEU A 272 26.83 15.18 -20.35
CA LEU A 272 27.01 16.39 -21.15
C LEU A 272 28.08 17.35 -20.63
N ILE A 273 28.54 17.13 -19.40
CA ILE A 273 29.57 17.97 -18.78
C ILE A 273 30.97 17.56 -19.22
N ASP A 274 31.27 16.27 -19.11
CA ASP A 274 32.56 15.72 -19.49
C ASP A 274 32.34 14.31 -20.04
N PRO A 275 32.06 14.20 -21.37
CA PRO A 275 31.83 12.91 -22.04
C PRO A 275 32.85 11.81 -21.74
N GLN A 276 34.11 12.18 -21.62
CA GLN A 276 35.15 11.19 -21.36
C GLN A 276 35.08 10.70 -19.91
N LYS A 277 34.85 11.61 -18.98
CA LYS A 277 34.77 11.26 -17.56
C LYS A 277 33.56 10.38 -17.32
N TRP A 278 32.46 10.73 -17.96
CA TRP A 278 31.23 9.95 -17.81
C TRP A 278 31.50 8.50 -18.17
N GLU A 279 32.04 8.30 -19.37
CA GLU A 279 32.34 6.97 -19.86
C GLU A 279 33.32 6.23 -18.96
N LYS A 280 34.17 6.95 -18.24
CA LYS A 280 35.13 6.31 -17.34
C LYS A 280 34.38 5.72 -16.15
N ILE A 281 33.77 6.61 -15.37
CA ILE A 281 33.02 6.19 -14.17
C ILE A 281 31.87 5.24 -14.46
N LYS A 282 31.06 5.59 -15.46
CA LYS A 282 29.90 4.79 -15.88
C LYS A 282 30.21 3.29 -15.90
N ARG A 283 31.48 2.96 -16.11
CA ARG A 283 31.89 1.57 -16.18
C ARG A 283 32.65 1.12 -14.91
N GLU A 284 32.41 1.79 -13.80
CA GLU A 284 33.08 1.43 -12.56
C GLU A 284 32.21 0.71 -11.55
N GLU A 285 32.88 0.01 -10.63
CA GLU A 285 32.24 -0.74 -9.55
C GLU A 285 32.02 0.24 -8.38
N GLY A 286 30.89 0.10 -7.70
CA GLY A 286 30.55 0.96 -6.57
C GLY A 286 29.26 1.70 -6.89
N ASN A 287 28.65 2.30 -5.85
CA ASN A 287 27.39 3.03 -6.00
C ASN A 287 27.49 4.16 -7.03
N ILE A 288 26.66 4.10 -8.06
CA ILE A 288 26.70 5.13 -9.10
C ILE A 288 26.67 6.56 -8.57
N LEU A 289 25.85 6.83 -7.54
CA LEU A 289 25.73 8.21 -7.01
C LEU A 289 26.96 8.67 -6.23
N GLU A 290 27.60 7.78 -5.49
CA GLU A 290 28.80 8.19 -4.77
C GLU A 290 29.89 8.60 -5.79
N LEU A 291 30.04 7.78 -6.84
CA LEU A 291 30.99 8.02 -7.92
C LEU A 291 30.77 9.36 -8.60
N ILE A 292 29.52 9.67 -8.94
CA ILE A 292 29.22 10.94 -9.59
C ILE A 292 29.50 12.14 -8.66
N VAL A 293 29.16 12.01 -7.38
CA VAL A 293 29.39 13.10 -6.42
C VAL A 293 30.89 13.35 -6.37
N LYS A 294 31.66 12.28 -6.20
CA LYS A 294 33.12 12.40 -6.12
C LYS A 294 33.81 12.89 -7.40
N GLU A 295 33.33 12.46 -8.56
CA GLU A 295 33.94 12.85 -9.84
C GLU A 295 33.40 14.12 -10.45
N PHE A 296 32.12 14.43 -10.28
CA PHE A 296 31.57 15.65 -10.85
C PHE A 296 31.10 16.67 -9.81
N GLY A 297 31.20 16.30 -8.53
CA GLY A 297 30.75 17.20 -7.48
C GLY A 297 29.31 17.68 -7.71
N ILE A 298 28.46 16.78 -8.23
CA ILE A 298 27.06 17.10 -8.45
C ILE A 298 26.26 15.92 -7.91
N ILE A 299 24.96 16.14 -7.68
CA ILE A 299 24.08 15.10 -7.11
C ILE A 299 22.63 15.36 -7.50
N THR A 300 21.78 14.34 -7.41
CA THR A 300 20.35 14.53 -7.72
C THR A 300 19.71 15.27 -6.53
N PRO A 301 18.72 16.12 -6.81
CA PRO A 301 18.10 16.84 -5.68
C PRO A 301 17.05 16.00 -4.96
N PRO A 302 16.76 16.34 -3.68
CA PRO A 302 15.73 15.60 -2.95
C PRO A 302 14.40 16.12 -3.49
N GLY A 303 13.31 15.36 -3.32
CA GLY A 303 12.04 15.84 -3.84
C GLY A 303 11.34 16.72 -2.81
N PHE A 304 10.18 17.25 -3.19
CA PHE A 304 9.37 18.08 -2.29
C PHE A 304 8.01 18.34 -2.89
N SER A 305 7.08 18.72 -2.01
CA SER A 305 5.70 19.01 -2.34
C SER A 305 5.56 19.97 -3.51
N ASP A 306 4.48 19.82 -4.28
CA ASP A 306 4.27 20.72 -5.40
C ASP A 306 3.38 21.91 -5.01
N LEU A 307 3.03 21.99 -3.73
CA LEU A 307 2.21 23.11 -3.24
C LEU A 307 3.20 24.12 -2.63
N ILE A 308 3.11 25.39 -3.01
CA ILE A 308 4.03 26.40 -2.45
C ILE A 308 3.62 26.70 -1.00
N ASN A 309 4.63 26.94 -0.16
CA ASN A 309 4.45 27.22 1.26
C ASN A 309 4.06 26.04 2.16
N ASP A 310 4.24 24.82 1.68
CA ASP A 310 3.94 23.60 2.42
C ASP A 310 4.96 23.44 3.55
N PRO A 311 4.50 23.24 4.79
CA PRO A 311 5.47 23.09 5.87
C PRO A 311 6.14 21.72 6.02
N GLN A 312 5.69 20.70 5.27
CA GLN A 312 6.31 19.38 5.41
C GLN A 312 7.73 19.46 4.89
N PRO A 313 8.64 18.68 5.50
CA PRO A 313 10.04 18.69 5.07
C PRO A 313 10.27 18.12 3.66
N THR A 314 11.51 18.13 3.20
CA THR A 314 11.84 17.61 1.88
C THR A 314 11.91 16.08 1.91
N TRP A 315 11.60 15.45 0.78
CA TRP A 315 11.65 13.98 0.65
C TRP A 315 13.09 13.55 0.23
N ASP A 316 13.99 13.41 1.19
CA ASP A 316 15.38 13.08 0.88
C ASP A 316 15.70 11.72 0.25
N ASP A 317 14.80 10.75 0.35
CA ASP A 317 15.14 9.46 -0.24
C ASP A 317 14.60 9.25 -1.66
N VAL A 318 14.06 10.31 -2.27
CA VAL A 318 13.59 10.26 -3.65
C VAL A 318 13.86 11.55 -4.44
N THR A 319 13.86 11.43 -5.76
CA THR A 319 14.08 12.57 -6.64
C THR A 319 13.02 12.45 -7.71
N PHE A 320 12.89 13.45 -8.58
CA PHE A 320 11.89 13.37 -9.64
C PHE A 320 12.49 12.92 -10.98
N LEU A 321 11.66 12.34 -11.84
CA LEU A 321 12.12 11.91 -13.17
C LEU A 321 11.86 13.04 -14.18
N ARG A 322 12.77 13.22 -15.13
CA ARG A 322 12.62 14.27 -16.12
C ARG A 322 11.59 13.91 -17.19
N LEU A 323 10.33 14.30 -16.98
CA LEU A 323 9.24 13.95 -17.91
C LEU A 323 9.25 14.61 -19.29
N TYR A 324 9.83 15.81 -19.37
CA TYR A 324 9.92 16.53 -20.64
C TYR A 324 11.37 16.94 -20.90
N LEU A 325 11.75 16.92 -22.18
CA LEU A 325 13.10 17.30 -22.60
C LEU A 325 13.28 18.81 -22.48
N ASP A 326 12.20 19.55 -22.72
CA ASP A 326 12.23 21.00 -22.61
C ASP A 326 11.61 21.45 -21.27
N HIS A 327 11.69 22.75 -20.97
CA HIS A 327 11.14 23.30 -19.73
C HIS A 327 9.65 23.53 -19.99
N PRO A 328 8.86 23.72 -18.91
CA PRO A 328 7.42 23.96 -19.07
C PRO A 328 7.11 25.14 -19.99
N GLU A 329 6.23 24.91 -20.97
CA GLU A 329 5.88 25.95 -21.93
C GLU A 329 5.52 27.31 -21.30
N ALA A 330 4.51 27.33 -20.43
CA ALA A 330 4.05 28.56 -19.79
C ALA A 330 5.07 29.32 -18.94
N SER A 331 6.28 28.78 -18.82
CA SER A 331 7.30 29.42 -17.99
C SER A 331 8.61 29.72 -18.70
N LYS A 332 8.69 29.45 -20.00
CA LYS A 332 9.92 29.70 -20.75
C LYS A 332 10.27 31.19 -20.81
N ARG A 333 9.27 32.05 -20.93
CA ARG A 333 9.50 33.49 -21.02
C ARG A 333 9.99 34.16 -19.75
N PHE A 334 10.35 33.37 -18.74
CA PHE A 334 10.83 33.91 -17.47
C PHE A 334 12.24 33.43 -17.19
N LEU A 335 12.74 32.52 -18.02
CA LEU A 335 14.07 31.95 -17.82
C LEU A 335 15.20 32.64 -18.57
N ASP A 336 16.43 32.45 -18.10
CA ASP A 336 17.60 33.00 -18.76
C ASP A 336 18.03 31.97 -19.78
N PRO A 337 18.53 32.43 -20.93
CA PRO A 337 18.97 31.46 -21.95
C PRO A 337 19.99 30.55 -21.29
N ASN A 338 20.05 29.30 -21.73
CA ASN A 338 21.01 28.33 -21.18
C ASN A 338 20.71 27.79 -19.78
N GLN A 339 19.46 27.98 -19.32
CA GLN A 339 19.02 27.50 -18.00
C GLN A 339 18.96 25.98 -18.00
N PRO A 340 19.78 25.33 -17.17
CA PRO A 340 19.76 23.86 -17.14
C PRO A 340 18.38 23.35 -16.69
N PRO A 341 18.13 22.04 -16.85
CA PRO A 341 16.83 21.48 -16.42
C PRO A 341 16.77 21.64 -14.88
N TYR A 342 15.64 22.15 -14.40
CA TYR A 342 15.43 22.41 -12.98
C TYR A 342 14.07 21.94 -12.45
N VAL A 343 14.01 21.70 -11.14
CA VAL A 343 12.79 21.29 -10.45
C VAL A 343 12.09 22.46 -9.73
N LEU A 344 10.80 22.63 -9.97
CA LEU A 344 10.00 23.67 -9.28
C LEU A 344 8.54 23.19 -9.28
N TYR A 345 7.68 23.87 -8.54
CA TYR A 345 6.27 23.48 -8.45
C TYR A 345 5.60 23.09 -9.77
N ASP A 346 5.82 23.88 -10.83
CA ASP A 346 5.17 23.60 -12.09
C ASP A 346 5.74 22.39 -12.84
N VAL A 347 7.05 22.23 -12.78
CA VAL A 347 7.71 21.11 -13.42
C VAL A 347 7.20 19.80 -12.81
N ILE A 348 6.93 19.81 -11.50
CA ILE A 348 6.46 18.61 -10.82
C ILE A 348 5.03 18.24 -11.26
N LYS A 349 4.15 19.22 -11.36
CA LYS A 349 2.80 18.88 -11.78
C LYS A 349 2.68 18.96 -13.32
N ALA A 350 3.39 18.05 -14.01
CA ALA A 350 3.40 17.96 -15.47
C ALA A 350 2.02 17.92 -16.10
N SER A 351 1.04 17.46 -15.31
CA SER A 351 -0.34 17.39 -15.78
C SER A 351 -0.92 18.79 -16.01
N LYS A 352 -0.29 19.81 -15.43
CA LYS A 352 -0.80 21.19 -15.57
C LYS A 352 0.15 22.14 -16.32
N PHE A 353 1.46 21.88 -16.22
CA PHE A 353 2.48 22.72 -16.87
C PHE A 353 3.45 21.83 -17.61
N PRO A 354 3.05 21.41 -18.82
CA PRO A 354 3.82 20.55 -19.72
C PRO A 354 4.64 21.35 -20.70
N GLY A 355 5.73 20.72 -21.18
CA GLY A 355 6.57 21.33 -22.18
C GLY A 355 6.01 20.87 -23.51
N LYS A 356 6.72 21.14 -24.61
CA LYS A 356 6.20 20.68 -25.89
C LYS A 356 6.91 19.42 -26.39
N GLU A 357 7.87 18.89 -25.61
CA GLU A 357 8.62 17.69 -26.02
C GLU A 357 8.63 16.52 -25.01
N PRO A 358 7.69 15.58 -25.16
CA PRO A 358 7.64 14.43 -24.24
C PRO A 358 8.91 13.58 -24.35
N ASN A 359 9.45 13.17 -23.20
CA ASN A 359 10.63 12.32 -23.21
C ASN A 359 10.11 10.94 -23.58
N ARG A 360 9.82 10.75 -24.86
CA ARG A 360 9.25 9.50 -25.39
C ARG A 360 9.89 8.21 -24.91
N GLU A 361 11.23 8.18 -24.86
CA GLU A 361 11.91 6.96 -24.41
C GLU A 361 11.59 6.59 -22.94
N LEU A 362 11.44 7.59 -22.07
CA LEU A 362 11.12 7.35 -20.64
C LEU A 362 9.66 6.90 -20.50
N TRP A 363 8.79 7.59 -21.23
CA TRP A 363 7.38 7.32 -21.24
C TRP A 363 7.07 5.87 -21.58
N GLU A 364 7.80 5.33 -22.57
CA GLU A 364 7.61 3.94 -22.99
C GLU A 364 8.07 2.98 -21.91
N TYR A 365 9.20 3.30 -21.27
CA TYR A 365 9.75 2.48 -20.19
C TYR A 365 8.72 2.43 -19.08
N LEU A 366 8.24 3.59 -18.69
CA LEU A 366 7.25 3.68 -17.62
C LEU A 366 5.99 2.86 -17.94
N ALA A 367 5.51 2.97 -19.18
CA ALA A 367 4.31 2.26 -19.60
C ALA A 367 4.49 0.76 -19.75
N GLY A 368 5.71 0.28 -19.52
CA GLY A 368 5.95 -1.15 -19.63
C GLY A 368 6.33 -1.83 -18.32
N VAL A 369 6.22 -1.12 -17.19
CA VAL A 369 6.58 -1.74 -15.90
C VAL A 369 5.46 -2.68 -15.39
N ILE A 370 4.20 -2.24 -15.42
CA ILE A 370 3.11 -3.09 -14.93
C ILE A 370 3.01 -4.33 -15.83
N PRO A 371 2.90 -4.14 -17.16
CA PRO A 371 2.82 -5.28 -18.08
C PRO A 371 3.94 -6.30 -17.82
N HIS A 372 5.13 -5.81 -17.50
CA HIS A 372 6.21 -6.72 -17.18
C HIS A 372 5.78 -7.66 -16.04
N TYR A 373 5.01 -7.14 -15.08
CA TYR A 373 4.54 -7.96 -13.93
C TYR A 373 3.34 -8.82 -14.29
N GLN A 374 2.44 -8.29 -15.11
CA GLN A 374 1.29 -9.06 -15.54
C GLN A 374 1.79 -10.34 -16.27
N LYS A 375 2.58 -10.15 -17.33
CA LYS A 375 3.10 -11.25 -18.13
C LYS A 375 4.05 -12.18 -17.38
N LYS A 376 4.92 -11.62 -16.55
CA LYS A 376 5.88 -12.48 -15.86
C LYS A 376 5.34 -13.26 -14.67
N TYR A 377 4.41 -12.64 -13.93
CA TYR A 377 3.90 -13.30 -12.74
C TYR A 377 2.39 -13.52 -12.69
N GLY A 378 1.65 -12.80 -13.54
CA GLY A 378 0.21 -12.93 -13.62
C GLY A 378 -0.56 -12.14 -12.56
N ILE A 379 -0.10 -10.95 -12.20
CA ILE A 379 -0.79 -10.16 -11.17
C ILE A 379 -2.15 -9.71 -11.69
N ASP A 380 -3.10 -9.48 -10.79
CA ASP A 380 -4.46 -9.12 -11.16
C ASP A 380 -4.91 -7.65 -11.15
N GLY A 381 -4.09 -6.78 -10.56
CA GLY A 381 -4.44 -5.37 -10.49
C GLY A 381 -3.32 -4.54 -9.87
N ALA A 382 -3.49 -3.23 -9.88
CA ALA A 382 -2.46 -2.39 -9.29
C ALA A 382 -2.96 -1.01 -8.87
N ARG A 383 -2.24 -0.45 -7.90
CA ARG A 383 -2.53 0.89 -7.42
C ARG A 383 -1.42 1.79 -7.96
N LEU A 384 -1.84 2.89 -8.58
CA LEU A 384 -0.91 3.86 -9.16
C LEU A 384 -0.76 5.09 -8.25
N ASP A 385 0.45 5.33 -7.75
CA ASP A 385 0.68 6.49 -6.88
C ASP A 385 1.19 7.75 -7.57
N MET A 386 0.67 8.90 -7.10
CA MET A 386 1.02 10.23 -7.55
C MET A 386 0.54 10.54 -8.97
N GLY A 387 -0.54 9.87 -9.36
CA GLY A 387 -1.14 10.05 -10.67
C GLY A 387 -1.55 11.48 -10.97
N HIS A 388 -1.71 12.29 -9.93
CA HIS A 388 -2.08 13.70 -10.09
C HIS A 388 -1.08 14.47 -10.98
N ALA A 389 0.20 14.07 -10.90
CA ALA A 389 1.29 14.71 -11.63
C ALA A 389 1.57 14.25 -13.08
N LEU A 390 1.06 13.10 -13.48
CA LEU A 390 1.28 12.58 -14.82
C LEU A 390 0.45 13.23 -15.91
N PRO A 391 1.08 13.54 -17.06
CA PRO A 391 0.37 14.16 -18.19
C PRO A 391 -0.72 13.18 -18.68
N LYS A 392 -1.88 13.70 -19.08
CA LYS A 392 -2.98 12.85 -19.53
C LYS A 392 -2.64 11.78 -20.57
N GLU A 393 -1.69 12.08 -21.46
CA GLU A 393 -1.25 11.17 -22.52
C GLU A 393 -0.38 10.05 -21.98
N LEU A 394 0.42 10.33 -20.94
CA LEU A 394 1.27 9.29 -20.36
C LEU A 394 0.45 8.31 -19.51
N LEU A 395 -0.64 8.83 -18.93
CA LEU A 395 -1.51 8.00 -18.10
C LEU A 395 -2.39 7.16 -19.02
N ASP A 396 -2.90 7.78 -20.09
CA ASP A 396 -3.75 7.07 -21.05
C ASP A 396 -2.99 5.90 -21.65
N LEU A 397 -1.69 6.08 -21.83
CA LEU A 397 -0.84 5.04 -22.36
C LEU A 397 -0.61 3.93 -21.34
N ILE A 398 -0.33 4.31 -20.08
CA ILE A 398 -0.07 3.32 -19.01
C ILE A 398 -1.26 2.38 -18.82
N ILE A 399 -2.46 2.92 -18.98
CA ILE A 399 -3.68 2.13 -18.81
C ILE A 399 -3.99 1.28 -20.03
N LYS A 400 -3.80 1.83 -21.23
CA LYS A 400 -4.05 1.09 -22.47
C LYS A 400 -3.21 -0.18 -22.53
N ASN A 401 -2.00 -0.10 -22.00
CA ASN A 401 -1.10 -1.25 -22.00
C ASN A 401 -1.45 -2.36 -21.03
N VAL A 402 -2.03 -2.04 -19.88
CA VAL A 402 -2.38 -3.14 -18.98
C VAL A 402 -3.70 -3.75 -19.42
N LYS A 403 -4.63 -2.90 -19.86
CA LYS A 403 -5.95 -3.31 -20.31
C LYS A 403 -5.88 -4.10 -21.63
N GLU A 404 -4.84 -3.82 -22.42
CA GLU A 404 -4.66 -4.50 -23.69
C GLU A 404 -4.32 -5.98 -23.43
N TYR A 405 -3.46 -6.22 -22.44
CA TYR A 405 -3.07 -7.59 -22.09
C TYR A 405 -4.14 -8.36 -21.30
N ASP A 406 -4.85 -7.65 -20.42
CA ASP A 406 -5.90 -8.25 -19.57
C ASP A 406 -6.98 -7.21 -19.37
N PRO A 407 -8.11 -7.31 -20.10
CA PRO A 407 -9.21 -6.34 -19.97
C PRO A 407 -9.95 -6.40 -18.64
N ALA A 408 -9.58 -7.38 -17.80
CA ALA A 408 -10.20 -7.53 -16.50
C ALA A 408 -9.36 -6.90 -15.37
N PHE A 409 -8.16 -6.42 -15.71
CA PHE A 409 -7.23 -5.77 -14.76
C PHE A 409 -7.86 -4.57 -14.03
N VAL A 410 -7.63 -4.50 -12.73
CA VAL A 410 -8.18 -3.42 -11.93
C VAL A 410 -7.14 -2.34 -11.59
N MET A 411 -7.40 -1.12 -12.02
CA MET A 411 -6.52 0.00 -11.74
C MET A 411 -7.10 0.81 -10.57
N ILE A 412 -6.30 0.95 -9.50
CA ILE A 412 -6.71 1.71 -8.31
C ILE A 412 -6.02 3.07 -8.23
N ALA A 413 -6.82 4.11 -8.14
CA ALA A 413 -6.31 5.47 -8.03
C ALA A 413 -5.94 5.84 -6.56
N GLU A 414 -4.79 6.47 -6.36
CA GLU A 414 -4.36 6.92 -5.03
C GLU A 414 -5.04 8.29 -4.83
N GLU A 415 -6.37 8.27 -4.70
CA GLU A 415 -7.20 9.47 -4.57
C GLU A 415 -7.92 9.45 -3.22
N LEU A 416 -7.50 10.36 -2.33
CA LEU A 416 -8.07 10.43 -1.00
C LEU A 416 -9.35 11.22 -0.94
N ASP A 417 -9.61 12.08 -1.93
CA ASP A 417 -10.82 12.90 -1.93
C ASP A 417 -11.98 12.20 -2.66
N MET A 418 -12.97 11.80 -1.86
CA MET A 418 -14.13 11.09 -2.39
C MET A 418 -15.01 11.87 -3.33
N GLU A 419 -14.73 13.17 -3.48
CA GLU A 419 -15.48 14.00 -4.40
C GLU A 419 -14.81 13.97 -5.77
N LYS A 420 -13.60 13.41 -5.83
CA LYS A 420 -12.88 13.31 -7.09
C LYS A 420 -13.15 11.96 -7.78
N ASP A 421 -14.26 11.30 -7.40
CA ASP A 421 -14.60 10.01 -7.98
C ASP A 421 -14.87 10.18 -9.50
N LYS A 422 -15.70 11.17 -9.83
CA LYS A 422 -16.05 11.45 -11.21
C LYS A 422 -14.85 11.73 -12.13
N ALA A 423 -13.85 12.44 -11.63
CA ALA A 423 -12.68 12.73 -12.44
C ALA A 423 -11.76 11.52 -12.54
N SER A 424 -11.78 10.66 -11.51
CA SER A 424 -10.93 9.46 -11.50
C SER A 424 -11.46 8.44 -12.52
N LYS A 425 -12.78 8.38 -12.63
CA LYS A 425 -13.43 7.47 -13.57
C LYS A 425 -13.14 7.95 -15.00
N GLU A 426 -13.10 9.27 -15.17
CA GLU A 426 -12.85 9.86 -16.48
C GLU A 426 -11.41 9.65 -16.92
N ALA A 427 -10.50 9.50 -15.96
CA ALA A 427 -9.10 9.29 -16.26
C ALA A 427 -8.83 7.84 -16.63
N GLY A 428 -9.79 6.96 -16.32
CA GLY A 428 -9.61 5.54 -16.61
C GLY A 428 -9.39 4.58 -15.44
N TYR A 429 -9.64 5.04 -14.21
CA TYR A 429 -9.46 4.20 -13.02
C TYR A 429 -10.75 3.40 -12.73
N ASP A 430 -10.62 2.32 -11.96
CA ASP A 430 -11.76 1.46 -11.63
C ASP A 430 -12.16 1.53 -10.15
N VAL A 431 -11.26 2.05 -9.32
CA VAL A 431 -11.45 2.17 -7.88
C VAL A 431 -10.72 3.40 -7.31
N ILE A 432 -11.28 4.08 -6.31
CA ILE A 432 -10.56 5.19 -5.66
C ILE A 432 -10.24 4.74 -4.24
N LEU A 433 -9.20 5.34 -3.66
CA LEU A 433 -8.77 5.03 -2.31
C LEU A 433 -9.76 5.59 -1.25
N GLY A 434 -10.07 6.88 -1.34
CA GLY A 434 -10.98 7.52 -0.39
C GLY A 434 -10.37 7.81 0.98
N SER A 435 -11.19 8.27 1.91
CA SER A 435 -10.72 8.61 3.26
C SER A 435 -11.72 8.25 4.34
N SER A 436 -12.44 7.15 4.16
CA SER A 436 -13.46 6.74 5.12
C SER A 436 -12.93 6.56 6.55
N TRP A 437 -11.66 6.21 6.66
CA TRP A 437 -11.01 5.99 7.97
C TRP A 437 -11.06 7.23 8.89
N TYR A 438 -11.13 8.41 8.31
CA TYR A 438 -11.17 9.62 9.11
C TYR A 438 -12.51 9.80 9.82
N PHE A 439 -13.61 9.61 9.09
CA PHE A 439 -14.94 9.73 9.67
C PHE A 439 -15.28 8.50 10.55
N ALA A 440 -14.88 7.31 10.11
CA ALA A 440 -15.15 6.07 10.85
C ALA A 440 -14.67 6.09 12.30
N GLY A 441 -13.58 6.79 12.57
CA GLY A 441 -13.06 6.85 13.92
C GLY A 441 -13.54 7.98 14.83
N ARG A 442 -14.50 8.81 14.37
CA ARG A 442 -15.05 9.92 15.16
C ARG A 442 -16.58 9.78 15.29
N VAL A 443 -17.07 9.53 16.51
CA VAL A 443 -18.50 9.38 16.73
C VAL A 443 -19.29 10.56 16.17
N GLU A 444 -18.71 11.76 16.26
CA GLU A 444 -19.37 12.96 15.74
C GLU A 444 -19.31 13.10 14.20
N GLU A 445 -18.48 12.30 13.51
CA GLU A 445 -18.40 12.40 12.05
C GLU A 445 -18.90 11.17 11.26
N ILE A 446 -18.90 9.99 11.89
CA ILE A 446 -19.32 8.75 11.23
C ILE A 446 -20.68 8.80 10.50
N GLY A 447 -21.62 9.61 11.00
CA GLY A 447 -22.92 9.70 10.37
C GLY A 447 -22.90 10.28 8.96
N LYS A 448 -21.80 10.91 8.56
CA LYS A 448 -21.74 11.49 7.21
C LYS A 448 -21.44 10.45 6.14
N LEU A 449 -20.86 9.33 6.57
CA LEU A 449 -20.48 8.27 5.65
C LEU A 449 -21.59 7.73 4.74
N PRO A 450 -22.80 7.48 5.29
CA PRO A 450 -23.86 6.95 4.43
C PRO A 450 -24.13 7.77 3.15
N ASP A 451 -24.31 9.10 3.26
CA ASP A 451 -24.56 9.91 2.06
C ASP A 451 -23.32 10.00 1.15
N ILE A 452 -22.14 10.08 1.75
CA ILE A 452 -20.91 10.17 0.99
C ILE A 452 -20.70 8.95 0.06
N ALA A 453 -20.96 7.75 0.58
CA ALA A 453 -20.82 6.52 -0.18
C ALA A 453 -21.84 6.34 -1.31
N GLU A 454 -23.09 6.72 -1.03
CA GLU A 454 -24.15 6.56 -2.00
C GLU A 454 -23.96 7.35 -3.30
N GLU A 455 -23.32 8.51 -3.23
CA GLU A 455 -23.10 9.34 -4.42
C GLU A 455 -21.94 8.89 -5.33
N LEU A 456 -21.09 8.00 -4.86
CA LEU A 456 -19.95 7.54 -5.65
C LEU A 456 -20.29 6.95 -7.01
N VAL A 457 -19.41 7.15 -7.98
CA VAL A 457 -19.60 6.59 -9.32
C VAL A 457 -18.60 5.45 -9.55
N LEU A 458 -17.80 5.16 -8.54
CA LEU A 458 -16.80 4.08 -8.55
C LEU A 458 -16.77 3.48 -7.14
N PRO A 459 -16.34 2.22 -7.01
CA PRO A 459 -16.31 1.64 -5.64
C PRO A 459 -15.05 2.16 -4.92
N PHE A 460 -15.01 2.04 -3.59
CA PHE A 460 -13.85 2.51 -2.85
C PHE A 460 -13.40 1.48 -1.84
N LEU A 461 -12.17 1.62 -1.34
CA LEU A 461 -11.67 0.73 -0.33
C LEU A 461 -12.21 1.21 1.03
N ALA A 462 -13.22 0.52 1.55
CA ALA A 462 -13.84 0.85 2.84
C ALA A 462 -12.92 0.44 3.98
N SER A 463 -12.16 1.40 4.49
CA SER A 463 -11.22 1.12 5.56
C SER A 463 -11.52 1.93 6.83
N VAL A 464 -11.00 1.48 7.98
CA VAL A 464 -11.13 2.22 9.24
C VAL A 464 -9.72 2.61 9.71
N GLU A 465 -8.72 2.27 8.91
CA GLU A 465 -7.29 2.57 9.15
C GLU A 465 -6.46 2.06 7.94
N THR A 466 -5.34 2.71 7.66
CA THR A 466 -4.46 2.29 6.57
C THR A 466 -3.02 2.43 7.07
N PRO A 467 -2.03 2.10 6.23
CA PRO A 467 -0.63 2.21 6.65
C PRO A 467 -0.16 3.63 7.06
N ASP A 468 -0.81 4.66 6.52
CA ASP A 468 -0.47 6.07 6.79
C ASP A 468 -1.23 6.77 7.91
N THR A 469 -2.19 6.10 8.54
CA THR A 469 -3.03 6.72 9.56
C THR A 469 -2.91 6.06 10.93
N PRO A 470 -3.52 6.65 11.95
CA PRO A 470 -3.43 5.98 13.25
C PRO A 470 -4.28 4.71 13.20
N ARG A 471 -3.99 3.75 14.07
CA ARG A 471 -4.72 2.48 14.16
C ARG A 471 -6.10 2.71 14.78
N ILE A 472 -7.11 1.94 14.38
CA ILE A 472 -8.44 2.18 14.90
C ILE A 472 -8.44 1.88 16.39
N ALA A 473 -7.52 1.00 16.79
CA ALA A 473 -7.38 0.58 18.18
C ALA A 473 -6.86 1.67 19.10
N THR A 474 -6.55 2.83 18.56
CA THR A 474 -6.07 3.95 19.39
C THR A 474 -6.96 5.20 19.26
N ARG A 475 -8.06 5.12 18.53
CA ARG A 475 -8.95 6.30 18.43
C ARG A 475 -9.82 6.39 19.72
N LYS A 476 -10.48 7.52 19.90
CA LYS A 476 -11.35 7.70 21.08
C LYS A 476 -12.40 6.58 21.21
N TYR A 477 -12.55 6.05 22.42
CA TYR A 477 -13.51 4.97 22.71
C TYR A 477 -13.12 3.67 21.98
N ALA A 478 -11.82 3.49 21.80
CA ALA A 478 -11.26 2.33 21.10
C ALA A 478 -11.94 0.99 21.40
N SER A 479 -12.06 0.65 22.68
CA SER A 479 -12.68 -0.61 23.11
C SER A 479 -14.04 -0.87 22.46
N LYS A 480 -14.74 0.19 22.06
CA LYS A 480 -16.01 0.03 21.40
C LYS A 480 -15.89 0.28 19.89
N MET A 481 -15.20 1.36 19.52
CA MET A 481 -15.06 1.70 18.11
C MET A 481 -14.29 0.70 17.25
N LYS A 482 -13.40 -0.09 17.84
CA LYS A 482 -12.64 -1.06 17.07
C LYS A 482 -13.55 -2.15 16.49
N LYS A 483 -14.79 -2.23 16.97
CA LYS A 483 -15.77 -3.19 16.42
C LYS A 483 -16.90 -2.45 15.71
N LEU A 484 -17.34 -1.32 16.28
CA LEU A 484 -18.42 -0.51 15.71
C LEU A 484 -18.04 0.16 14.39
N ALA A 485 -16.84 0.72 14.31
CA ALA A 485 -16.43 1.39 13.08
C ALA A 485 -16.39 0.46 11.83
N PRO A 486 -15.80 -0.74 11.95
CA PRO A 486 -15.79 -1.60 10.74
C PRO A 486 -17.16 -2.15 10.36
N PHE A 487 -18.00 -2.42 11.36
CA PHE A 487 -19.35 -2.88 11.08
C PHE A 487 -20.10 -1.84 10.24
N VAL A 488 -20.06 -0.58 10.64
CA VAL A 488 -20.76 0.47 9.88
C VAL A 488 -20.13 0.74 8.52
N THR A 489 -18.80 0.69 8.45
CA THR A 489 -18.06 0.98 7.22
C THR A 489 -18.10 -0.10 6.13
N TYR A 490 -17.94 -1.37 6.50
CA TYR A 490 -17.95 -2.49 5.54
C TYR A 490 -19.28 -2.77 4.88
N PHE A 491 -20.36 -2.24 5.45
CA PHE A 491 -21.67 -2.44 4.85
C PHE A 491 -22.08 -1.25 4.00
N LEU A 492 -21.22 -0.24 3.86
CA LEU A 492 -21.61 0.95 3.08
C LEU A 492 -21.80 0.65 1.59
N PRO A 493 -22.61 1.47 0.89
CA PRO A 493 -22.83 1.25 -0.55
C PRO A 493 -21.55 1.50 -1.32
N ASN A 494 -21.35 0.75 -2.40
CA ASN A 494 -20.15 0.88 -3.24
C ASN A 494 -18.86 0.51 -2.54
N SER A 495 -18.96 -0.20 -1.42
CA SER A 495 -17.80 -0.57 -0.65
C SER A 495 -17.00 -1.85 -1.00
N ILE A 496 -15.71 -1.80 -0.68
CA ILE A 496 -14.80 -2.92 -0.85
C ILE A 496 -14.13 -3.04 0.54
N PRO A 497 -14.63 -3.95 1.38
CA PRO A 497 -14.04 -4.11 2.72
C PRO A 497 -12.51 -4.22 2.72
N TYR A 498 -11.87 -3.35 3.50
CA TYR A 498 -10.41 -3.34 3.60
C TYR A 498 -9.95 -3.70 5.03
N VAL A 499 -9.02 -4.66 5.13
CA VAL A 499 -8.45 -5.07 6.42
C VAL A 499 -6.96 -4.74 6.34
N ASN A 500 -6.49 -3.81 7.19
CA ASN A 500 -5.07 -3.41 7.25
C ASN A 500 -4.25 -4.42 8.05
N THR A 501 -3.07 -4.80 7.55
CA THR A 501 -2.27 -5.79 8.26
C THR A 501 -2.00 -5.39 9.69
N GLY A 502 -2.39 -6.24 10.62
CA GLY A 502 -2.23 -5.96 12.04
C GLY A 502 -3.55 -5.56 12.73
N GLN A 503 -4.46 -4.95 11.96
CA GLN A 503 -5.78 -4.51 12.45
C GLN A 503 -6.58 -5.69 13.03
N GLU A 504 -6.51 -6.86 12.36
CA GLU A 504 -7.21 -8.10 12.75
C GLU A 504 -6.78 -8.64 14.12
N ILE A 505 -5.65 -8.19 14.65
CA ILE A 505 -5.22 -8.62 15.99
C ILE A 505 -5.16 -7.41 16.95
N GLY A 506 -5.76 -6.29 16.54
CA GLY A 506 -5.80 -5.10 17.38
C GLY A 506 -4.51 -4.32 17.62
N GLU A 507 -3.64 -4.28 16.62
CA GLU A 507 -2.35 -3.57 16.73
C GLU A 507 -2.61 -2.07 17.01
N LYS A 508 -1.77 -1.47 17.84
CA LYS A 508 -1.90 -0.05 18.27
C LYS A 508 -0.88 0.89 17.66
N GLN A 509 0.39 0.51 17.73
CA GLN A 509 1.49 1.30 17.19
C GLN A 509 1.31 1.56 15.69
N PRO A 510 1.38 2.83 15.27
CA PRO A 510 1.22 3.18 13.84
C PRO A 510 2.45 2.71 13.00
N MET A 511 2.25 2.52 11.70
CA MET A 511 3.35 2.07 10.82
C MET A 511 4.10 3.27 10.27
N ASN A 512 3.40 4.39 10.27
CA ASN A 512 3.93 5.65 9.78
C ASN A 512 3.10 6.86 10.26
N LEU A 513 3.75 8.00 10.43
CA LEU A 513 3.09 9.24 10.86
C LEU A 513 2.65 10.15 9.69
N GLY A 514 2.32 9.54 8.57
CA GLY A 514 1.94 10.31 7.39
C GLY A 514 0.71 11.20 7.44
N LEU A 515 -0.45 10.58 7.22
CA LEU A 515 -1.74 11.28 7.21
C LEU A 515 -2.40 11.44 8.56
N ASP A 516 -2.89 12.65 8.83
CA ASP A 516 -3.61 12.92 10.08
C ASP A 516 -3.01 12.23 11.31
N THR A 517 -1.69 12.22 11.47
CA THR A 517 -1.13 11.54 12.65
C THR A 517 -0.43 12.46 13.68
N ASP A 518 -0.58 12.09 14.95
CA ASP A 518 -0.04 12.80 16.10
C ASP A 518 1.25 12.15 16.59
N PRO A 519 2.36 12.91 16.60
CA PRO A 519 3.67 12.40 17.05
C PRO A 519 3.62 11.62 18.36
N ASN A 520 2.64 11.92 19.22
CA ASN A 520 2.55 11.19 20.49
C ASN A 520 2.12 9.72 20.33
N LEU A 521 1.57 9.37 19.16
CA LEU A 521 1.16 7.97 18.90
C LEU A 521 2.44 7.13 18.84
N ARG A 522 3.56 7.82 18.63
CA ARG A 522 4.87 7.19 18.59
C ARG A 522 5.16 6.51 19.93
N LYS A 523 4.39 6.81 20.97
CA LYS A 523 4.66 6.16 22.24
C LYS A 523 3.55 5.40 22.92
N VAL A 524 2.67 4.76 22.14
CA VAL A 524 1.57 4.02 22.76
C VAL A 524 2.01 2.72 23.41
N LEU A 525 3.17 2.21 23.02
CA LEU A 525 3.66 0.97 23.62
C LEU A 525 4.37 1.18 24.95
N SER A 526 4.49 0.12 25.73
CA SER A 526 5.23 0.17 26.99
C SER A 526 6.73 0.45 26.74
N PRO A 527 7.34 1.30 27.57
CA PRO A 527 8.77 1.59 27.37
C PRO A 527 9.68 0.36 27.54
N THR A 528 9.11 -0.76 27.98
CA THR A 528 9.89 -1.98 28.11
C THR A 528 9.66 -2.91 26.92
N ASP A 529 8.89 -2.46 25.94
CA ASP A 529 8.59 -3.26 24.76
C ASP A 529 9.79 -3.13 23.81
N GLU A 530 10.28 -4.26 23.31
CA GLU A 530 11.39 -4.25 22.37
C GLU A 530 11.18 -3.24 21.22
N PHE A 531 9.96 -3.10 20.72
CA PHE A 531 9.69 -2.18 19.63
C PHE A 531 9.11 -0.82 19.98
N PHE A 532 9.31 -0.38 21.23
CA PHE A 532 8.81 0.94 21.67
C PHE A 532 9.32 2.03 20.75
N GLY A 533 8.43 2.89 20.28
CA GLY A 533 8.85 3.99 19.44
C GLY A 533 9.18 3.71 17.98
N LYS A 534 9.18 2.45 17.55
CA LYS A 534 9.50 2.10 16.16
C LYS A 534 8.33 2.21 15.17
N LEU A 535 8.67 2.61 13.94
CA LEU A 535 7.70 2.77 12.84
C LEU A 535 8.11 1.87 11.65
N ALA A 536 7.32 0.83 11.40
CA ALA A 536 7.59 -0.13 10.35
C ALA A 536 8.11 0.36 8.98
N PHE A 537 7.74 1.58 8.60
CA PHE A 537 8.18 2.14 7.32
C PHE A 537 9.68 2.41 7.25
N PHE A 538 10.33 2.61 8.41
CA PHE A 538 11.75 2.95 8.37
C PHE A 538 12.59 2.19 9.38
N ASP A 539 11.95 1.26 10.07
CA ASP A 539 12.61 0.50 11.11
C ASP A 539 12.09 -0.93 11.11
N HIS A 540 12.88 -1.83 11.67
CA HIS A 540 12.51 -3.22 11.78
C HIS A 540 11.44 -3.29 12.88
N TYR A 541 10.31 -3.91 12.54
CA TYR A 541 9.16 -4.06 13.41
C TYR A 541 8.40 -5.39 13.27
N VAL A 542 8.15 -6.05 14.41
CA VAL A 542 7.38 -7.30 14.46
C VAL A 542 5.96 -7.05 15.13
N LEU A 543 4.85 -7.25 14.38
CA LEU A 543 3.46 -7.09 14.90
C LEU A 543 3.32 -7.96 16.14
N HIS A 544 2.37 -7.65 17.03
CA HIS A 544 2.21 -8.39 18.28
C HIS A 544 1.45 -9.74 18.26
N TRP A 545 1.95 -10.66 17.44
CA TRP A 545 1.37 -12.01 17.29
C TRP A 545 1.32 -12.80 18.60
N ASP A 546 2.28 -12.59 19.49
CA ASP A 546 2.25 -13.35 20.75
C ASP A 546 1.24 -12.84 21.80
N SER A 547 0.82 -11.59 21.70
CA SER A 547 -0.16 -11.02 22.64
C SER A 547 -1.25 -10.34 21.81
N PRO A 548 -1.99 -11.11 21.01
CA PRO A 548 -3.05 -10.56 20.15
C PRO A 548 -4.38 -10.27 20.87
N ASP A 549 -5.20 -9.41 20.25
CA ASP A 549 -6.52 -9.02 20.76
C ASP A 549 -7.44 -10.08 20.17
N ARG A 550 -7.59 -11.20 20.87
CA ARG A 550 -8.44 -12.25 20.35
C ARG A 550 -9.89 -11.84 20.09
N GLY A 551 -10.39 -10.88 20.88
CA GLY A 551 -11.77 -10.42 20.70
C GLY A 551 -11.98 -9.77 19.33
N VAL A 552 -10.97 -9.01 18.87
CA VAL A 552 -11.03 -8.36 17.58
C VAL A 552 -10.83 -9.36 16.46
N LEU A 553 -9.88 -10.28 16.62
CA LEU A 553 -9.63 -11.30 15.60
C LEU A 553 -10.92 -12.07 15.31
N ASN A 554 -11.52 -12.59 16.39
CA ASN A 554 -12.76 -13.37 16.27
C ASN A 554 -13.95 -12.58 15.67
N PHE A 555 -14.10 -11.32 16.06
CA PHE A 555 -15.18 -10.49 15.52
C PHE A 555 -14.98 -10.11 14.04
N ILE A 556 -13.74 -9.79 13.65
CA ILE A 556 -13.50 -9.44 12.24
C ILE A 556 -13.88 -10.62 11.31
N LYS A 557 -13.45 -11.82 11.70
CA LYS A 557 -13.78 -13.03 10.93
C LYS A 557 -15.28 -13.21 10.79
N LYS A 558 -16.03 -13.08 11.88
CA LYS A 558 -17.47 -13.27 11.82
C LYS A 558 -18.17 -12.15 11.06
N LEU A 559 -17.67 -10.93 11.18
CA LEU A 559 -18.27 -9.80 10.48
C LEU A 559 -18.13 -9.94 8.97
N ILE A 560 -16.92 -10.26 8.49
CA ILE A 560 -16.70 -10.43 7.04
C ILE A 560 -17.64 -11.52 6.50
N LYS A 561 -17.73 -12.62 7.25
CA LYS A 561 -18.58 -13.74 6.85
C LYS A 561 -20.09 -13.36 6.76
N VAL A 562 -20.61 -12.59 7.71
CA VAL A 562 -22.03 -12.19 7.65
C VAL A 562 -22.26 -11.13 6.56
N ARG A 563 -21.29 -10.24 6.39
CA ARG A 563 -21.41 -9.24 5.36
C ARG A 563 -21.49 -9.95 3.99
N HIS A 564 -20.72 -11.01 3.83
CA HIS A 564 -20.75 -11.71 2.55
C HIS A 564 -22.01 -12.55 2.39
N GLU A 565 -22.64 -12.90 3.50
CA GLU A 565 -23.88 -13.65 3.44
C GLU A 565 -24.98 -12.73 2.87
N PHE A 566 -24.77 -11.43 2.93
CA PHE A 566 -25.77 -10.50 2.42
C PHE A 566 -25.28 -9.59 1.30
N LEU A 567 -24.15 -9.94 0.69
CA LEU A 567 -23.56 -9.13 -0.37
C LEU A 567 -24.55 -8.64 -1.42
N ASP A 568 -25.54 -9.47 -1.73
CA ASP A 568 -26.53 -9.09 -2.74
C ASP A 568 -27.33 -7.85 -2.42
N PHE A 569 -27.62 -7.63 -1.13
CA PHE A 569 -28.36 -6.43 -0.73
C PHE A 569 -27.44 -5.22 -0.93
N VAL A 570 -26.23 -5.31 -0.39
CA VAL A 570 -25.28 -4.22 -0.54
C VAL A 570 -25.09 -3.83 -2.01
N LEU A 571 -24.91 -4.82 -2.89
CA LEU A 571 -24.67 -4.56 -4.31
C LEU A 571 -25.85 -4.18 -5.20
N ASN A 572 -27.01 -4.81 -5.00
CA ASN A 572 -28.17 -4.53 -5.85
C ASN A 572 -29.48 -4.14 -5.13
N GLY A 573 -29.43 -3.92 -3.82
CA GLY A 573 -30.64 -3.54 -3.09
C GLY A 573 -30.82 -2.04 -3.11
N LYS A 574 -32.05 -1.55 -3.05
CA LYS A 574 -32.27 -0.10 -3.04
C LYS A 574 -31.90 0.43 -1.66
N PHE A 575 -30.97 1.38 -1.64
CA PHE A 575 -30.49 2.00 -0.41
C PHE A 575 -31.36 3.18 0.04
N GLU A 576 -31.54 3.31 1.35
CA GLU A 576 -32.30 4.42 1.92
C GLU A 576 -31.59 4.84 3.22
N ASN A 577 -31.22 6.12 3.33
CA ASN A 577 -30.55 6.63 4.53
C ASN A 577 -31.59 6.93 5.62
N LEU A 578 -31.27 6.57 6.87
CA LEU A 578 -32.16 6.78 8.03
C LEU A 578 -31.41 7.40 9.22
N THR A 579 -30.24 7.96 8.93
CA THR A 579 -29.38 8.56 9.94
C THR A 579 -29.95 9.80 10.65
N THR A 580 -29.80 9.85 11.96
CA THR A 580 -30.26 10.98 12.78
C THR A 580 -29.08 11.55 13.56
N LYS A 581 -29.31 12.57 14.38
CA LYS A 581 -28.24 13.18 15.16
C LYS A 581 -27.47 12.15 15.99
N ASP A 582 -28.20 11.28 16.67
CA ASP A 582 -27.62 10.27 17.55
C ASP A 582 -27.70 8.80 17.07
N LEU A 583 -28.05 8.60 15.81
CA LEU A 583 -28.17 7.23 15.31
C LEU A 583 -27.77 7.07 13.84
N VAL A 584 -26.63 6.43 13.58
CA VAL A 584 -26.22 6.22 12.19
C VAL A 584 -27.00 4.96 11.76
N MET A 585 -27.76 5.06 10.68
CA MET A 585 -28.58 3.93 10.26
C MET A 585 -29.01 4.03 8.78
N TYR A 586 -29.12 2.86 8.14
CA TYR A 586 -29.54 2.79 6.73
C TYR A 586 -30.08 1.40 6.36
N SER A 587 -30.74 1.32 5.21
CA SER A 587 -31.32 0.05 4.78
C SER A 587 -31.17 -0.29 3.32
N TYR A 588 -31.31 -1.57 3.02
CA TYR A 588 -31.22 -2.10 1.66
C TYR A 588 -32.47 -2.98 1.50
N GLU A 589 -33.20 -2.80 0.40
CA GLU A 589 -34.40 -3.58 0.16
C GLU A 589 -34.25 -4.24 -1.21
N LYS A 590 -34.58 -5.52 -1.29
CA LYS A 590 -34.50 -6.24 -2.56
C LYS A 590 -35.45 -7.43 -2.63
N ASN A 591 -36.44 -7.33 -3.50
CA ASN A 591 -37.43 -8.40 -3.68
C ASN A 591 -38.26 -8.64 -2.43
N GLY A 592 -38.87 -7.56 -1.93
CA GLY A 592 -39.71 -7.65 -0.75
C GLY A 592 -39.06 -7.84 0.61
N GLN A 593 -37.74 -8.04 0.63
CA GLN A 593 -37.04 -8.24 1.89
C GLN A 593 -36.19 -7.03 2.21
N LYS A 594 -35.85 -6.87 3.49
CA LYS A 594 -35.06 -5.71 3.91
C LYS A 594 -34.07 -5.95 5.06
N ILE A 595 -32.90 -5.31 4.99
CA ILE A 595 -31.90 -5.40 6.06
C ILE A 595 -31.58 -3.98 6.53
N VAL A 596 -31.29 -3.86 7.82
CA VAL A 596 -31.01 -2.56 8.43
C VAL A 596 -29.70 -2.53 9.21
N ILE A 597 -28.83 -1.56 8.92
CA ILE A 597 -27.57 -1.40 9.65
C ILE A 597 -27.76 -0.25 10.67
N ALA A 598 -27.50 -0.52 11.95
CA ALA A 598 -27.69 0.51 12.98
C ALA A 598 -26.62 0.57 14.04
N ALA A 599 -26.27 1.80 14.45
CA ALA A 599 -25.28 2.03 15.51
C ALA A 599 -25.66 3.30 16.29
N ASN A 600 -25.64 3.19 17.62
CA ASN A 600 -25.97 4.30 18.51
C ASN A 600 -24.70 5.06 18.91
N VAL A 601 -24.55 6.28 18.42
CA VAL A 601 -23.39 7.07 18.79
C VAL A 601 -23.82 8.26 19.65
N GLY A 602 -24.93 8.10 20.36
CA GLY A 602 -25.43 9.17 21.21
C GLY A 602 -25.16 8.94 22.69
N LYS A 603 -25.74 9.79 23.54
CA LYS A 603 -25.54 9.69 24.97
C LYS A 603 -26.63 8.88 25.70
N GLU A 604 -27.79 8.76 25.06
CA GLU A 604 -28.90 8.01 25.67
C GLU A 604 -29.28 6.80 24.82
N PRO A 605 -29.75 5.72 25.46
CA PRO A 605 -30.13 4.55 24.68
C PRO A 605 -31.29 4.83 23.70
N LYS A 606 -31.42 3.99 22.68
CA LYS A 606 -32.49 4.15 21.69
C LYS A 606 -33.04 2.78 21.33
N GLU A 607 -34.28 2.72 20.86
CA GLU A 607 -34.90 1.44 20.52
C GLU A 607 -35.33 1.46 19.06
N ILE A 608 -35.30 0.30 18.41
CA ILE A 608 -35.71 0.18 17.00
C ILE A 608 -36.37 -1.16 16.70
N THR A 609 -37.00 -1.24 15.53
CA THR A 609 -37.67 -2.46 15.10
C THR A 609 -36.71 -3.65 15.11
N GLY A 610 -37.22 -4.78 15.60
CA GLY A 610 -36.43 -6.00 15.69
C GLY A 610 -36.67 -6.97 14.55
N GLY A 611 -36.52 -8.26 14.85
CA GLY A 611 -36.64 -9.34 13.87
C GLY A 611 -35.50 -10.31 14.19
N ARG A 612 -34.71 -10.72 13.20
CA ARG A 612 -33.56 -11.59 13.47
C ARG A 612 -32.39 -10.59 13.59
N VAL A 613 -31.66 -10.64 14.70
CA VAL A 613 -30.60 -9.66 14.94
C VAL A 613 -29.17 -10.16 15.10
N TRP A 614 -28.24 -9.46 14.45
CA TRP A 614 -26.82 -9.82 14.54
C TRP A 614 -25.98 -8.68 15.11
N ASN A 615 -25.04 -9.04 15.98
CA ASN A 615 -24.17 -8.04 16.57
C ASN A 615 -22.89 -8.77 17.04
N GLY A 616 -22.61 -9.90 16.44
CA GLY A 616 -21.47 -10.69 16.83
C GLY A 616 -22.02 -12.07 17.00
N LYS A 617 -23.29 -12.12 17.43
CA LYS A 617 -24.09 -13.36 17.60
C LYS A 617 -25.52 -13.08 17.13
N TRP A 618 -26.19 -14.13 16.70
CA TRP A 618 -27.55 -14.03 16.22
C TRP A 618 -28.55 -14.23 17.35
N SER A 619 -29.57 -13.37 17.38
CA SER A 619 -30.66 -13.47 18.36
C SER A 619 -32.01 -13.17 17.65
N ASP A 620 -33.12 -13.22 18.39
CA ASP A 620 -34.44 -12.93 17.81
C ASP A 620 -35.30 -12.27 18.85
N GLU A 621 -35.72 -11.03 18.58
CA GLU A 621 -36.59 -10.27 19.49
C GLU A 621 -37.26 -9.15 18.70
N GLU A 622 -38.49 -8.82 19.07
CA GLU A 622 -39.26 -7.80 18.35
C GLU A 622 -38.74 -6.37 18.46
N LYS A 623 -38.18 -6.02 19.61
CA LYS A 623 -37.62 -4.69 19.80
C LYS A 623 -36.15 -4.80 20.23
N VAL A 624 -35.32 -3.97 19.62
CA VAL A 624 -33.89 -3.96 19.92
C VAL A 624 -33.52 -2.67 20.62
N VAL A 625 -32.95 -2.78 21.81
CA VAL A 625 -32.53 -1.59 22.53
C VAL A 625 -31.01 -1.37 22.45
N LEU A 626 -30.59 -0.29 21.80
CA LEU A 626 -29.18 0.04 21.63
C LEU A 626 -28.65 1.08 22.63
N LYS A 627 -27.80 0.63 23.55
CA LYS A 627 -27.19 1.54 24.48
C LYS A 627 -26.13 2.31 23.68
N PRO A 628 -25.53 3.34 24.30
CA PRO A 628 -24.50 4.11 23.60
C PRO A 628 -23.33 3.23 23.11
N LEU A 629 -22.95 3.40 21.85
CA LEU A 629 -21.87 2.64 21.22
C LEU A 629 -22.16 1.13 21.02
N GLU A 630 -23.43 0.82 20.79
CA GLU A 630 -23.82 -0.55 20.51
C GLU A 630 -24.35 -0.47 19.08
N PHE A 631 -24.35 -1.60 18.39
CA PHE A 631 -24.78 -1.63 16.99
C PHE A 631 -25.53 -2.93 16.69
N ALA A 632 -26.15 -3.01 15.51
CA ALA A 632 -26.84 -4.24 15.14
C ALA A 632 -27.25 -4.31 13.68
N LEU A 633 -27.37 -5.53 13.19
CA LEU A 633 -27.80 -5.79 11.82
C LEU A 633 -29.16 -6.50 11.95
N VAL A 634 -30.24 -5.81 11.59
CA VAL A 634 -31.60 -6.36 11.71
C VAL A 634 -32.14 -6.91 10.39
N VAL A 635 -32.62 -8.16 10.43
CA VAL A 635 -33.15 -8.81 9.24
C VAL A 635 -34.65 -9.09 9.37
N GLN A 636 -35.46 -8.34 8.62
CA GLN A 636 -36.91 -8.50 8.62
C GLN A 636 -37.37 -9.32 7.41
#